data_8V7Z
#
_entry.id   8V7Z
#
_cell.length_a   1.00
_cell.length_b   1.00
_cell.length_c   1.00
_cell.angle_alpha   90.00
_cell.angle_beta   90.00
_cell.angle_gamma   90.00
#
_symmetry.space_group_name_H-M   'P 1'
#
loop_
_entity.id
_entity.type
_entity.pdbx_description
1 polymer 'Cystic fibrosis transmembrane conductance regulator'
2 non-polymer 'MAGNESIUM ION'
3 non-polymer "ADENOSINE-5'-TRIPHOSPHATE"
4 non-polymer '(2S)-3-(hexadecanoyloxy)-2-[(9Z)-octadec-9-enoyloxy]propyl 2-(trimethylammonio)ethyl phosphate'
5 non-polymer CHOLESTEROL
#
_entity_poly.entity_id   1
_entity_poly.type   'polypeptide(L)'
_entity_poly.pdbx_seq_one_letter_code
;VVSKLFFSWTRPILRKGYRQRLELSDIYQIPSVDSADNLSEKLEREWDRELASKKNPKLINALRRCFFWRFMFYGIFLYL
GEVTKAVQPLLLGRIIASYDPDNKEERSIAIYLGIGLCLLFIVRTLLLHPAIFGLHHIGMQMRIAMFSLIYKKTLKLSSR
VLDKISIGQLVSLLSNNLNKFDEGLALAHFVWIAPLQVALLMGLIWELLQASAFCGLGFLIVLALFQAGLGRMMMKYRDQ
RAGKISERLVITSEMIENIQSVKAYCWEEAMEKMIENLRQTELKLTRKAAYVRYFNSSAFFFSGFFVVFLSVLPYALIKG
IILRKIFTTISFCIVLRMAVTRQFPWAVQTWYDSLGAINKIQDFLQKQEYKTLEYNLTTTEVVMENVTAFWEEGFGELFE
KAKQNNNNRKTSNGDDSLFFSNFSLLGTPVLKDINFKIERGQLLAVAGSTGAGKTSLLMVIMGELEPSEGKIKHSGRISF
CPQFPWIMPGTIKENIIFGVSYDEYRYRSVIKACQLEEDISKFPEKDNTVLGEGGITLSGGQRAKISLARAVYKDADLYL
LDSPFGYLDVLTEKEIFESCVCKLMANKTRILVTSKMEHLKKADKILILHEGSSYFYGTFSELQNLQPDFSSKLMGCDSF
DQFSAERRNSILTETLHRFSLEGDAPVSWTETKKQSFKQTGEFGEKRKNSILNPINSIRKFSIVQKTPLQMNGIEEDSDE
PLERRLSLVPDSEQGEAILPRISVISTGPTLQARRRQSVLNLMTHSVNQGQNIHRKTTASTRKVSLAPQANLTELDIYSR
RLSQETGLEISEEINEEDLKECFFDDMESIPAVTTWNTYLRYITVHKSLIFVLIWCLVIFLAEVAASLVVLWLLGNTPLQ
DKGNSTHSRNNSYAVIITSTSSYYVFYIYVGVADTLLAMGFFRGLPLVHTLITVSKILHHKMLHSVLQAPMSTLNTLKAG
GILNRFSKDIAILDDLLPLTIFDFIQLLLIVIGAIAVVAVLQPYIFVATVPVIVAFIMLRAYFLQTSQQLKQLESEGRSP
IFTHLVTSLKGLWTLRAFGRQPYFETLFHKALNLHTANWFLYLSTLRWFQMRIEMIFVIFFIAVTFISILTTGEGEGRVG
IILTLAMNIMSTLQWAVNSSIDVDSLMRSVSRVFKFIDMPTEGKPTKSTKPYKNGQLSKVMIIENSHVKKDDIWPSGGQM
TVKDLTAKYTEGGNAILENISFSISPGQRVGLLGRTGSGKSTLLSAFLRLLNTEGEIQIDGVSWDSITLQQWRKAFGVIP
QKVFIFSGTFRKNLDPYEQWSDQEIWKVADEVGLRSVIEQFPGKLDFVLVDGGCVLSHGHKQLMCLARSVLSKAKILLLD
QPSAHLDPVTYQIIRRTLKQAFADCTVILCEHRIEAMLECQQFLVIEENKVRQYDSIQKLL
;
_entity_poly.pdbx_strand_id   A
#
# COMPACT_ATOMS: atom_id res chain seq x y z
N VAL A 1 6.97 -30.41 22.50
CA VAL A 1 6.34 -29.56 23.51
C VAL A 1 7.34 -28.54 24.04
N VAL A 2 8.63 -28.87 23.92
CA VAL A 2 9.69 -27.98 24.39
C VAL A 2 10.27 -27.24 23.19
N SER A 3 10.18 -27.86 22.00
CA SER A 3 10.68 -27.21 20.79
C SER A 3 9.90 -25.95 20.49
N LYS A 4 8.58 -25.98 20.66
CA LYS A 4 7.77 -24.78 20.45
C LYS A 4 7.98 -23.78 21.57
N LEU A 5 8.19 -24.25 22.80
CA LEU A 5 8.42 -23.34 23.93
C LEU A 5 9.71 -22.56 23.74
N PHE A 6 10.79 -23.23 23.33
CA PHE A 6 12.08 -22.58 23.12
C PHE A 6 12.25 -22.04 21.71
N PHE A 7 11.29 -22.27 20.82
CA PHE A 7 11.36 -21.81 19.44
C PHE A 7 12.62 -22.32 18.74
N SER A 8 13.00 -23.57 19.04
CA SER A 8 14.16 -24.18 18.42
C SER A 8 13.89 -24.69 17.02
N TRP A 9 12.62 -24.64 16.57
CA TRP A 9 12.29 -25.07 15.21
C TRP A 9 12.69 -24.04 14.16
N THR A 10 13.08 -22.84 14.58
CA THR A 10 13.59 -21.82 13.68
C THR A 10 15.09 -21.99 13.43
N ARG A 11 15.71 -22.95 14.11
CA ARG A 11 17.13 -23.26 13.88
C ARG A 11 17.45 -23.56 12.42
N PRO A 12 16.69 -24.41 11.70
CA PRO A 12 17.07 -24.69 10.30
C PRO A 12 16.99 -23.48 9.38
N ILE A 13 15.92 -22.69 9.49
CA ILE A 13 15.81 -21.52 8.61
C ILE A 13 16.89 -20.50 8.95
N LEU A 14 17.21 -20.31 10.23
CA LEU A 14 18.30 -19.42 10.58
C LEU A 14 19.64 -19.93 10.05
N ARG A 15 19.87 -21.24 10.15
CA ARG A 15 21.12 -21.80 9.65
C ARG A 15 21.24 -21.62 8.15
N LYS A 16 20.15 -21.82 7.41
CA LYS A 16 20.20 -21.63 5.97
C LYS A 16 20.41 -20.17 5.60
N GLY A 17 19.71 -19.26 6.28
CA GLY A 17 19.87 -17.84 5.99
C GLY A 17 21.17 -17.24 6.48
N TYR A 18 21.88 -17.93 7.37
CA TYR A 18 23.16 -17.42 7.85
C TYR A 18 24.19 -17.34 6.72
N ARG A 19 24.16 -18.29 5.79
CA ARG A 19 25.18 -18.36 4.75
C ARG A 19 24.58 -18.54 3.35
N GLN A 20 23.26 -18.47 3.19
CA GLN A 20 22.64 -18.63 1.88
C GLN A 20 21.52 -17.60 1.76
N ARG A 21 20.68 -17.78 0.74
CA ARG A 21 19.60 -16.85 0.42
C ARG A 21 18.27 -17.59 0.48
N LEU A 22 17.27 -16.97 1.09
CA LEU A 22 15.93 -17.56 1.24
C LEU A 22 15.07 -17.08 0.08
N GLU A 23 15.11 -17.80 -1.04
CA GLU A 23 14.42 -17.31 -2.23
C GLU A 23 12.94 -17.66 -2.23
N LEU A 24 12.60 -18.95 -2.40
CA LEU A 24 11.20 -19.35 -2.41
C LEU A 24 10.89 -20.67 -1.71
N SER A 25 11.85 -21.58 -1.56
CA SER A 25 11.53 -22.94 -1.12
C SER A 25 11.82 -23.19 0.35
N ASP A 26 12.80 -22.51 0.93
CA ASP A 26 13.11 -22.72 2.34
C ASP A 26 12.23 -21.90 3.28
N ILE A 27 11.30 -21.11 2.73
CA ILE A 27 10.28 -20.49 3.55
C ILE A 27 9.25 -21.56 3.91
N TYR A 28 9.02 -21.74 5.21
CA TYR A 28 8.17 -22.81 5.68
C TYR A 28 6.73 -22.63 5.21
N GLN A 29 6.06 -23.74 4.94
CA GLN A 29 4.66 -23.70 4.56
C GLN A 29 3.79 -23.32 5.75
N ILE A 30 2.66 -22.69 5.46
CA ILE A 30 1.76 -22.22 6.51
C ILE A 30 1.13 -23.43 7.21
N PRO A 31 0.89 -23.37 8.52
CA PRO A 31 0.15 -24.45 9.19
C PRO A 31 -1.32 -24.42 8.81
N SER A 32 -2.01 -25.50 9.16
CA SER A 32 -3.44 -25.60 8.90
C SER A 32 -4.26 -24.79 9.89
N VAL A 33 -3.73 -24.55 11.10
CA VAL A 33 -4.49 -23.85 12.13
C VAL A 33 -4.79 -22.42 11.69
N ASP A 34 -3.80 -21.73 11.13
CA ASP A 34 -3.93 -20.34 10.72
C ASP A 34 -4.06 -20.18 9.22
N SER A 35 -4.56 -21.21 8.53
CA SER A 35 -4.83 -21.09 7.11
C SER A 35 -5.94 -20.07 6.88
N ALA A 36 -5.76 -19.24 5.84
CA ALA A 36 -6.68 -18.14 5.60
C ALA A 36 -8.09 -18.64 5.36
N ASP A 37 -8.24 -19.76 4.64
CA ASP A 37 -9.56 -20.31 4.37
C ASP A 37 -10.27 -20.69 5.67
N ASN A 38 -9.58 -21.40 6.56
CA ASN A 38 -10.19 -21.83 7.81
C ASN A 38 -10.52 -20.64 8.72
N LEU A 39 -9.59 -19.69 8.83
CA LEU A 39 -9.84 -18.52 9.67
C LEU A 39 -11.01 -17.71 9.13
N SER A 40 -11.06 -17.52 7.81
CA SER A 40 -12.18 -16.80 7.21
C SER A 40 -13.48 -17.54 7.42
N GLU A 41 -13.47 -18.87 7.30
CA GLU A 41 -14.68 -19.65 7.51
C GLU A 41 -15.20 -19.47 8.93
N LYS A 42 -14.31 -19.56 9.93
CA LYS A 42 -14.74 -19.43 11.31
C LYS A 42 -15.27 -18.03 11.59
N LEU A 43 -14.53 -16.99 11.17
CA LEU A 43 -14.96 -15.63 11.45
C LEU A 43 -16.25 -15.30 10.70
N GLU A 44 -16.39 -15.79 9.48
CA GLU A 44 -17.61 -15.54 8.70
C GLU A 44 -18.80 -16.23 9.35
N ARG A 45 -18.62 -17.45 9.84
CA ARG A 45 -19.71 -18.13 10.53
C ARG A 45 -20.13 -17.34 11.76
N GLU A 46 -19.15 -16.88 12.55
CA GLU A 46 -19.47 -16.12 13.76
C GLU A 46 -20.16 -14.81 13.42
N TRP A 47 -19.69 -14.11 12.38
CA TRP A 47 -20.27 -12.82 12.02
C TRP A 47 -21.69 -12.99 11.47
N ASP A 48 -21.91 -14.03 10.66
CA ASP A 48 -23.24 -14.31 10.15
C ASP A 48 -24.20 -14.66 11.29
N ARG A 49 -23.74 -15.47 12.24
CA ARG A 49 -24.58 -15.76 13.40
C ARG A 49 -24.89 -14.50 14.18
N GLU A 50 -23.90 -13.62 14.33
CA GLU A 50 -24.10 -12.38 15.08
C GLU A 50 -25.14 -11.48 14.42
N LEU A 51 -25.04 -11.28 13.11
CA LEU A 51 -26.00 -10.38 12.49
C LEU A 51 -27.34 -11.05 12.22
N ALA A 52 -27.42 -12.39 12.34
CA ALA A 52 -28.70 -13.07 12.26
C ALA A 52 -29.42 -13.14 13.60
N SER A 53 -28.68 -13.10 14.71
CA SER A 53 -29.30 -13.24 16.03
C SER A 53 -29.41 -11.94 16.80
N LYS A 54 -28.47 -11.01 16.65
CA LYS A 54 -28.42 -9.82 17.48
C LYS A 54 -29.23 -8.68 16.85
N LYS A 55 -29.25 -7.55 17.55
CA LYS A 55 -29.92 -6.34 17.09
C LYS A 55 -28.97 -5.31 16.49
N ASN A 56 -27.85 -5.05 17.16
CA ASN A 56 -26.81 -4.17 16.65
C ASN A 56 -25.55 -4.97 16.40
N PRO A 57 -25.30 -5.41 15.17
CA PRO A 57 -24.15 -6.27 14.90
C PRO A 57 -22.83 -5.56 15.21
N LYS A 58 -21.99 -6.23 15.99
CA LYS A 58 -20.68 -5.72 16.35
C LYS A 58 -19.63 -6.78 16.03
N LEU A 59 -18.61 -6.38 15.26
CA LEU A 59 -17.55 -7.31 14.91
C LEU A 59 -16.71 -7.70 16.13
N ILE A 60 -16.72 -6.87 17.17
CA ILE A 60 -15.94 -7.18 18.37
C ILE A 60 -16.48 -8.45 19.03
N ASN A 61 -17.80 -8.64 19.04
CA ASN A 61 -18.37 -9.85 19.61
C ASN A 61 -18.00 -11.08 18.79
N ALA A 62 -18.04 -10.94 17.46
CA ALA A 62 -17.68 -12.06 16.60
C ALA A 62 -16.22 -12.46 16.78
N LEU A 63 -15.33 -11.48 16.93
CA LEU A 63 -13.93 -11.78 17.17
C LEU A 63 -13.71 -12.36 18.56
N ARG A 64 -14.43 -11.84 19.56
CA ARG A 64 -14.29 -12.34 20.91
C ARG A 64 -14.72 -13.79 21.01
N ARG A 65 -15.86 -14.15 20.41
CA ARG A 65 -16.39 -15.49 20.53
C ARG A 65 -15.44 -16.56 19.99
N CYS A 66 -14.49 -16.16 19.13
CA CYS A 66 -13.56 -17.12 18.56
C CYS A 66 -12.13 -16.97 19.06
N PHE A 67 -11.77 -15.85 19.70
CA PHE A 67 -10.39 -15.68 20.14
C PHE A 67 -10.21 -15.35 21.63
N PHE A 68 -11.28 -15.21 22.40
CA PHE A 68 -11.15 -14.69 23.76
C PHE A 68 -10.42 -15.67 24.67
N TRP A 69 -10.69 -16.96 24.54
CA TRP A 69 -10.07 -17.93 25.44
C TRP A 69 -8.56 -18.00 25.22
N ARG A 70 -8.12 -18.02 23.96
CA ARG A 70 -6.68 -17.99 23.70
C ARG A 70 -6.06 -16.67 24.14
N PHE A 71 -6.77 -15.55 23.91
CA PHE A 71 -6.28 -14.26 24.35
C PHE A 71 -6.04 -14.25 25.86
N MET A 72 -7.00 -14.74 26.64
CA MET A 72 -6.85 -14.74 28.08
C MET A 72 -5.82 -15.77 28.55
N PHE A 73 -5.72 -16.90 27.86
CA PHE A 73 -4.74 -17.91 28.23
C PHE A 73 -3.32 -17.37 28.06
N TYR A 74 -3.09 -16.57 27.02
CA TYR A 74 -1.78 -15.94 26.89
C TYR A 74 -1.63 -14.75 27.85
N GLY A 75 -2.72 -14.04 28.12
CA GLY A 75 -2.63 -12.88 28.99
C GLY A 75 -2.32 -13.23 30.43
N ILE A 76 -2.85 -14.35 30.92
CA ILE A 76 -2.53 -14.74 32.30
C ILE A 76 -1.05 -15.07 32.44
N PHE A 77 -0.46 -15.70 31.41
CA PHE A 77 0.97 -15.98 31.45
C PHE A 77 1.77 -14.69 31.34
N LEU A 78 1.30 -13.74 30.53
CA LEU A 78 1.95 -12.44 30.47
C LEU A 78 1.92 -11.75 31.83
N TYR A 79 0.79 -11.83 32.53
CA TYR A 79 0.70 -11.21 33.85
C TYR A 79 1.57 -11.93 34.85
N LEU A 80 1.71 -13.26 34.73
CA LEU A 80 2.63 -13.98 35.60
C LEU A 80 4.07 -13.54 35.37
N GLY A 81 4.44 -13.32 34.10
CA GLY A 81 5.76 -12.78 33.82
C GLY A 81 5.96 -11.39 34.41
N GLU A 82 4.94 -10.54 34.30
CA GLU A 82 5.01 -9.21 34.91
C GLU A 82 5.14 -9.30 36.43
N VAL A 83 4.46 -10.27 37.04
CA VAL A 83 4.55 -10.45 38.48
C VAL A 83 5.95 -10.90 38.88
N THR A 84 6.54 -11.83 38.12
CA THR A 84 7.92 -12.21 38.40
C THR A 84 8.88 -11.04 38.19
N LYS A 85 8.56 -10.14 37.26
CA LYS A 85 9.37 -8.92 37.12
C LYS A 85 9.24 -8.02 38.34
N ALA A 86 8.01 -7.85 38.84
CA ALA A 86 7.78 -6.95 39.97
C ALA A 86 8.23 -7.52 41.30
N VAL A 87 8.41 -8.84 41.39
CA VAL A 87 8.91 -9.47 42.61
C VAL A 87 10.44 -9.57 42.60
N GLN A 88 11.06 -9.49 41.43
CA GLN A 88 12.52 -9.56 41.32
C GLN A 88 13.26 -8.52 42.15
N PRO A 89 12.90 -7.22 42.14
CA PRO A 89 13.73 -6.25 42.86
C PRO A 89 13.71 -6.39 44.37
N LEU A 90 12.70 -7.04 44.94
CA LEU A 90 12.75 -7.40 46.36
C LEU A 90 13.95 -8.30 46.63
N LEU A 91 14.06 -9.38 45.86
CA LEU A 91 15.18 -10.30 46.02
C LEU A 91 16.51 -9.61 45.71
N LEU A 92 16.52 -8.76 44.69
CA LEU A 92 17.75 -8.06 44.33
C LEU A 92 18.21 -7.14 45.44
N GLY A 93 17.28 -6.39 46.05
CA GLY A 93 17.65 -5.49 47.12
C GLY A 93 18.00 -6.20 48.41
N ARG A 94 17.43 -7.37 48.64
CA ARG A 94 17.81 -8.17 49.80
C ARG A 94 19.07 -8.99 49.57
N ILE A 95 19.52 -9.12 48.32
CA ILE A 95 20.77 -9.81 48.03
C ILE A 95 21.94 -8.85 48.02
N ILE A 96 21.85 -7.75 47.25
CA ILE A 96 22.95 -6.81 47.18
C ILE A 96 23.16 -6.03 48.47
N ALA A 97 22.23 -6.17 49.42
CA ALA A 97 22.43 -5.59 50.75
C ALA A 97 23.49 -6.33 51.56
N SER A 98 23.82 -7.56 51.19
CA SER A 98 24.83 -8.34 51.90
C SER A 98 26.21 -8.13 51.29
N TYR A 99 26.65 -6.89 51.23
CA TYR A 99 27.94 -6.54 50.66
C TYR A 99 28.88 -5.85 51.63
N ASP A 100 28.38 -5.37 52.76
CA ASP A 100 29.14 -4.74 53.81
C ASP A 100 29.20 -5.64 55.04
N PRO A 101 30.11 -5.36 55.98
CA PRO A 101 30.18 -6.18 57.20
C PRO A 101 28.87 -6.22 58.00
N ASP A 102 27.95 -5.29 57.74
CA ASP A 102 26.67 -5.28 58.45
C ASP A 102 25.87 -6.53 58.14
N ASN A 103 25.76 -7.43 59.12
CA ASN A 103 25.13 -8.73 58.95
C ASN A 103 23.76 -8.81 59.64
N LYS A 104 23.04 -7.69 59.72
CA LYS A 104 21.76 -7.66 60.42
C LYS A 104 20.73 -8.55 59.72
N GLU A 105 20.28 -9.59 60.41
CA GLU A 105 19.25 -10.53 59.95
C GLU A 105 19.48 -10.96 58.50
N GLU A 106 20.75 -11.21 58.17
CA GLU A 106 21.11 -11.58 56.80
C GLU A 106 22.10 -12.75 56.80
N ARG A 107 22.42 -13.32 57.97
CA ARG A 107 23.49 -14.30 58.10
C ARG A 107 23.28 -15.50 57.18
N SER A 108 24.16 -15.65 56.19
CA SER A 108 24.21 -16.82 55.32
C SER A 108 22.87 -17.08 54.66
N ILE A 109 22.31 -16.04 54.04
CA ILE A 109 21.07 -16.16 53.28
C ILE A 109 21.21 -15.69 51.84
N ALA A 110 22.31 -15.01 51.49
CA ALA A 110 22.54 -14.66 50.09
C ALA A 110 22.70 -15.88 49.22
N ILE A 111 23.38 -16.92 49.72
CA ILE A 111 23.48 -18.17 48.99
C ILE A 111 22.15 -18.90 48.91
N TYR A 112 21.21 -18.59 49.81
CA TYR A 112 19.87 -19.14 49.77
C TYR A 112 18.89 -18.24 49.02
N LEU A 113 19.36 -17.11 48.50
CA LEU A 113 18.52 -16.18 47.74
C LEU A 113 18.94 -16.04 46.29
N GLY A 114 20.23 -16.22 45.99
CA GLY A 114 20.66 -16.19 44.60
C GLY A 114 20.06 -17.32 43.79
N ILE A 115 19.97 -18.51 44.38
CA ILE A 115 19.39 -19.65 43.68
C ILE A 115 17.89 -19.51 43.51
N GLY A 116 17.26 -18.61 44.26
CA GLY A 116 15.85 -18.32 44.08
C GLY A 116 15.65 -17.24 43.03
N LEU A 117 16.53 -16.24 43.04
CA LEU A 117 16.48 -15.21 42.02
C LEU A 117 16.76 -15.79 40.64
N CYS A 118 17.67 -16.76 40.56
CA CYS A 118 17.92 -17.43 39.28
C CYS A 118 16.68 -18.15 38.78
N LEU A 119 15.98 -18.86 39.68
CA LEU A 119 14.77 -19.56 39.29
C LEU A 119 13.68 -18.59 38.86
N LEU A 120 13.57 -17.46 39.55
CA LEU A 120 12.60 -16.44 39.14
C LEU A 120 12.95 -15.88 37.77
N PHE A 121 14.25 -15.66 37.51
CA PHE A 121 14.67 -15.14 36.21
C PHE A 121 14.32 -16.13 35.10
N ILE A 122 14.60 -17.42 35.33
CA ILE A 122 14.32 -18.40 34.29
C ILE A 122 12.81 -18.62 34.12
N VAL A 123 12.03 -18.48 35.19
CA VAL A 123 10.59 -18.64 35.02
C VAL A 123 10.02 -17.44 34.27
N ARG A 124 10.58 -16.24 34.48
CA ARG A 124 10.20 -15.11 33.64
C ARG A 124 10.58 -15.38 32.19
N THR A 125 11.76 -15.96 31.97
CA THR A 125 12.19 -16.35 30.63
C THR A 125 11.15 -17.24 29.96
N LEU A 126 10.73 -18.31 30.64
CA LEU A 126 9.81 -19.26 30.04
C LEU A 126 8.37 -18.75 30.01
N LEU A 127 8.03 -17.73 30.78
CA LEU A 127 6.64 -17.29 30.87
C LEU A 127 6.33 -16.00 30.13
N LEU A 128 7.34 -15.24 29.70
CA LEU A 128 7.04 -13.98 29.01
C LEU A 128 6.99 -14.14 27.50
N HIS A 129 8.10 -14.56 26.90
CA HIS A 129 8.18 -14.60 25.44
C HIS A 129 7.19 -15.54 24.78
N PRO A 130 6.94 -16.77 25.27
CA PRO A 130 5.89 -17.59 24.64
C PRO A 130 4.53 -16.92 24.62
N ALA A 131 4.17 -16.20 25.71
CA ALA A 131 2.90 -15.48 25.71
C ALA A 131 2.89 -14.35 24.68
N ILE A 132 4.01 -13.65 24.55
CA ILE A 132 4.10 -12.59 23.54
C ILE A 132 3.92 -13.17 22.14
N PHE A 133 4.58 -14.29 21.85
CA PHE A 133 4.44 -14.91 20.54
C PHE A 133 3.01 -15.40 20.31
N GLY A 134 2.38 -15.95 21.35
CA GLY A 134 1.00 -16.37 21.21
C GLY A 134 0.07 -15.22 20.91
N LEU A 135 0.28 -14.08 21.57
CA LEU A 135 -0.51 -12.88 21.28
C LEU A 135 -0.27 -12.39 19.86
N HIS A 136 0.99 -12.43 19.40
CA HIS A 136 1.29 -12.05 18.03
C HIS A 136 0.60 -12.98 17.03
N HIS A 137 0.59 -14.28 17.32
CA HIS A 137 -0.08 -15.24 16.45
C HIS A 137 -1.58 -15.00 16.41
N ILE A 138 -2.18 -14.70 17.57
CA ILE A 138 -3.61 -14.39 17.60
C ILE A 138 -3.91 -13.14 16.79
N GLY A 139 -3.05 -12.12 16.93
CA GLY A 139 -3.25 -10.91 16.13
C GLY A 139 -3.14 -11.15 14.64
N MET A 140 -2.16 -11.95 14.24
CA MET A 140 -2.00 -12.28 12.82
C MET A 140 -3.19 -13.07 12.30
N GLN A 141 -3.70 -14.02 13.08
CA GLN A 141 -4.87 -14.78 12.67
C GLN A 141 -6.09 -13.87 12.53
N MET A 142 -6.27 -12.95 13.49
CA MET A 142 -7.39 -12.01 13.42
C MET A 142 -7.29 -11.12 12.19
N ARG A 143 -6.07 -10.63 11.91
CA ARG A 143 -5.87 -9.80 10.73
C ARG A 143 -6.17 -10.57 9.45
N ILE A 144 -5.74 -11.83 9.37
CA ILE A 144 -6.01 -12.65 8.19
C ILE A 144 -7.52 -12.81 8.00
N ALA A 145 -8.22 -13.17 9.08
CA ALA A 145 -9.64 -13.42 8.98
C ALA A 145 -10.40 -12.16 8.60
N MET A 146 -10.04 -11.02 9.19
CA MET A 146 -10.73 -9.77 8.86
C MET A 146 -10.41 -9.34 7.44
N PHE A 147 -9.18 -9.56 6.97
CA PHE A 147 -8.85 -9.23 5.59
C PHE A 147 -9.69 -10.07 4.62
N SER A 148 -9.84 -11.36 4.90
CA SER A 148 -10.64 -12.21 4.03
C SER A 148 -12.11 -11.81 4.05
N LEU A 149 -12.64 -11.47 5.23
CA LEU A 149 -14.02 -11.01 5.31
C LEU A 149 -14.22 -9.71 4.54
N ILE A 150 -13.27 -8.78 4.66
CA ILE A 150 -13.34 -7.53 3.90
C ILE A 150 -13.30 -7.82 2.40
N TYR A 151 -12.47 -8.77 1.98
CA TYR A 151 -12.39 -9.08 0.56
C TYR A 151 -13.70 -9.68 0.05
N LYS A 152 -14.32 -10.56 0.84
CA LYS A 152 -15.62 -11.09 0.45
C LYS A 152 -16.67 -9.99 0.34
N LYS A 153 -16.69 -9.07 1.31
CA LYS A 153 -17.64 -7.96 1.25
C LYS A 153 -17.38 -7.08 0.03
N THR A 154 -16.11 -6.83 -0.27
CA THR A 154 -15.75 -6.06 -1.47
C THR A 154 -16.23 -6.75 -2.73
N LEU A 155 -16.09 -8.07 -2.79
CA LEU A 155 -16.61 -8.82 -3.93
C LEU A 155 -18.12 -8.67 -4.02
N LYS A 156 -18.81 -8.62 -2.88
CA LYS A 156 -20.25 -8.45 -2.86
C LYS A 156 -20.69 -6.98 -2.77
N LEU A 157 -19.74 -6.04 -2.81
CA LEU A 157 -20.09 -4.63 -2.67
C LEU A 157 -20.88 -4.14 -3.87
N SER A 158 -21.81 -3.23 -3.60
CA SER A 158 -22.70 -2.70 -4.63
C SER A 158 -21.94 -1.75 -5.56
N SER A 159 -22.53 -1.49 -6.72
CA SER A 159 -21.93 -0.58 -7.69
C SER A 159 -22.10 0.88 -7.30
N ARG A 160 -23.24 1.23 -6.69
CA ARG A 160 -23.45 2.62 -6.27
C ARG A 160 -22.43 3.03 -5.20
N VAL A 161 -22.14 2.13 -4.26
CA VAL A 161 -21.19 2.43 -3.20
C VAL A 161 -19.79 2.60 -3.78
N LEU A 162 -19.43 1.79 -4.79
CA LEU A 162 -18.11 1.87 -5.38
C LEU A 162 -17.84 3.20 -6.06
N ASP A 163 -18.89 3.97 -6.38
CA ASP A 163 -18.69 5.26 -7.03
C ASP A 163 -17.96 6.26 -6.15
N LYS A 164 -17.90 6.01 -4.85
CA LYS A 164 -17.21 6.90 -3.91
C LYS A 164 -15.97 6.27 -3.29
N ILE A 165 -16.04 4.98 -2.93
CA ILE A 165 -14.89 4.29 -2.34
C ILE A 165 -13.98 3.82 -3.46
N SER A 166 -12.70 4.18 -3.38
CA SER A 166 -11.73 3.91 -4.43
C SER A 166 -10.60 3.02 -3.88
N ILE A 167 -9.56 2.86 -4.70
CA ILE A 167 -8.44 1.99 -4.33
C ILE A 167 -7.70 2.55 -3.13
N GLY A 168 -7.57 3.88 -3.06
CA GLY A 168 -6.83 4.49 -1.97
C GLY A 168 -7.43 4.20 -0.61
N GLN A 169 -8.75 4.23 -0.51
CA GLN A 169 -9.42 3.93 0.76
C GLN A 169 -9.05 2.53 1.24
N LEU A 170 -9.18 1.53 0.37
CA LEU A 170 -8.88 0.16 0.75
C LEU A 170 -7.41 -0.02 1.08
N VAL A 171 -6.52 0.55 0.28
CA VAL A 171 -5.10 0.32 0.53
C VAL A 171 -4.69 0.97 1.85
N SER A 172 -5.23 2.16 2.15
CA SER A 172 -4.97 2.75 3.47
C SER A 172 -5.59 1.92 4.57
N LEU A 173 -6.72 1.27 4.30
CA LEU A 173 -7.37 0.44 5.31
C LEU A 173 -6.50 -0.76 5.69
N LEU A 174 -5.95 -1.45 4.69
CA LEU A 174 -5.10 -2.60 4.99
C LEU A 174 -3.63 -2.23 5.23
N SER A 175 -3.23 -0.98 5.04
CA SER A 175 -1.84 -0.62 5.26
C SER A 175 -1.49 -0.59 6.75
N ASN A 176 -2.43 -0.19 7.60
CA ASN A 176 -2.13 -0.04 9.02
C ASN A 176 -2.24 -1.39 9.74
N ASN A 177 -3.39 -2.03 9.66
CA ASN A 177 -3.67 -3.26 10.39
C ASN A 177 -2.82 -4.44 9.91
N LEU A 178 -2.13 -4.31 8.78
CA LEU A 178 -1.28 -5.40 8.32
C LEU A 178 -0.05 -5.56 9.21
N ASN A 179 0.47 -4.46 9.75
CA ASN A 179 1.67 -4.52 10.58
C ASN A 179 1.50 -3.85 11.94
N LYS A 180 0.31 -3.38 12.29
CA LYS A 180 0.07 -2.84 13.62
C LYS A 180 -0.92 -3.64 14.43
N PHE A 181 -1.94 -4.22 13.78
CA PHE A 181 -2.93 -5.00 14.50
C PHE A 181 -2.29 -6.22 15.16
N ASP A 182 -1.34 -6.86 14.47
CA ASP A 182 -0.67 -8.03 15.04
C ASP A 182 0.21 -7.65 16.22
N GLU A 183 1.02 -6.60 16.07
CA GLU A 183 1.94 -6.21 17.13
C GLU A 183 1.25 -5.50 18.29
N GLY A 184 0.01 -5.06 18.11
CA GLY A 184 -0.69 -4.45 19.23
C GLY A 184 -1.32 -5.44 20.20
N LEU A 185 -1.47 -6.70 19.81
CA LEU A 185 -2.11 -7.65 20.69
C LEU A 185 -1.20 -8.14 21.82
N ALA A 186 0.10 -7.91 21.71
CA ALA A 186 1.02 -8.18 22.81
C ALA A 186 1.20 -6.98 23.73
N LEU A 187 0.55 -5.85 23.41
CA LEU A 187 0.63 -4.65 24.22
C LEU A 187 -0.71 -4.15 24.71
N ALA A 188 -1.82 -4.62 24.15
CA ALA A 188 -3.14 -4.23 24.59
C ALA A 188 -3.63 -5.04 25.78
N HIS A 189 -2.84 -6.00 26.25
CA HIS A 189 -3.24 -6.83 27.38
C HIS A 189 -2.75 -6.28 28.70
N PHE A 190 -2.17 -5.09 28.70
CA PHE A 190 -1.69 -4.42 29.91
C PHE A 190 -2.75 -3.53 30.54
N VAL A 191 -3.96 -3.48 29.98
CA VAL A 191 -5.00 -2.61 30.51
C VAL A 191 -5.41 -3.04 31.92
N TRP A 192 -5.42 -4.34 32.19
CA TRP A 192 -5.68 -4.84 33.53
C TRP A 192 -4.42 -5.37 34.22
N ILE A 193 -3.30 -5.45 33.51
CA ILE A 193 -2.05 -5.85 34.13
C ILE A 193 -1.36 -4.66 34.80
N ALA A 194 -1.32 -3.52 34.11
CA ALA A 194 -0.72 -2.32 34.69
C ALA A 194 -1.39 -1.87 35.98
N PRO A 195 -2.71 -1.80 36.11
CA PRO A 195 -3.29 -1.49 37.43
C PRO A 195 -2.93 -2.51 38.50
N LEU A 196 -2.88 -3.80 38.15
CA LEU A 196 -2.51 -4.81 39.14
C LEU A 196 -1.05 -4.68 39.55
N GLN A 197 -0.17 -4.43 38.58
CA GLN A 197 1.24 -4.21 38.90
C GLN A 197 1.41 -2.95 39.75
N VAL A 198 0.64 -1.91 39.46
CA VAL A 198 0.70 -0.68 40.27
C VAL A 198 0.23 -0.96 41.68
N ALA A 199 -0.83 -1.76 41.84
CA ALA A 199 -1.30 -2.10 43.18
C ALA A 199 -0.25 -2.88 43.96
N LEU A 200 0.37 -3.88 43.31
CA LEU A 200 1.40 -4.67 43.97
C LEU A 200 2.60 -3.81 44.36
N LEU A 201 3.05 -2.96 43.44
CA LEU A 201 4.20 -2.12 43.73
C LEU A 201 3.88 -1.06 44.78
N MET A 202 2.65 -0.56 44.80
CA MET A 202 2.23 0.35 45.86
C MET A 202 2.24 -0.34 47.21
N GLY A 203 1.79 -1.60 47.25
CA GLY A 203 1.88 -2.35 48.49
C GLY A 203 3.33 -2.53 48.95
N LEU A 204 4.21 -2.87 48.03
CA LEU A 204 5.61 -3.07 48.39
C LEU A 204 6.28 -1.76 48.85
N ILE A 205 6.02 -0.67 48.14
CA ILE A 205 6.62 0.61 48.51
C ILE A 205 5.97 1.19 49.76
N TRP A 206 4.73 0.78 50.08
CA TRP A 206 4.16 1.14 51.38
C TRP A 206 4.82 0.33 52.48
N GLU A 207 5.15 -0.93 52.21
CA GLU A 207 5.93 -1.72 53.16
C GLU A 207 7.27 -1.06 53.44
N LEU A 208 7.94 -0.56 52.39
CA LEU A 208 9.27 0.01 52.57
C LEU A 208 9.20 1.40 53.18
N LEU A 209 8.55 2.35 52.49
CA LEU A 209 8.33 3.70 53.00
C LEU A 209 6.92 3.82 53.54
N GLN A 210 6.78 4.51 54.69
CA GLN A 210 5.53 4.45 55.43
C GLN A 210 4.38 5.11 54.67
N ALA A 211 4.50 6.39 54.32
CA ALA A 211 3.41 7.10 53.67
C ALA A 211 3.92 8.07 52.61
N SER A 212 4.90 7.63 51.82
CA SER A 212 5.36 8.42 50.67
C SER A 212 5.10 7.73 49.34
N ALA A 213 4.76 6.44 49.35
CA ALA A 213 4.39 5.76 48.12
C ALA A 213 3.16 6.40 47.50
N PHE A 214 2.17 6.75 48.32
CA PHE A 214 0.97 7.41 47.81
C PHE A 214 1.28 8.81 47.30
N CYS A 215 2.19 9.53 47.98
CA CYS A 215 2.58 10.85 47.51
C CYS A 215 3.25 10.78 46.14
N GLY A 216 4.12 9.80 45.94
CA GLY A 216 4.72 9.60 44.63
C GLY A 216 3.70 9.16 43.59
N LEU A 217 2.76 8.30 44.00
CA LEU A 217 1.71 7.83 43.08
C LEU A 217 0.81 8.98 42.66
N GLY A 218 0.66 10.01 43.50
CA GLY A 218 -0.10 11.16 43.08
C GLY A 218 0.49 11.85 41.87
N PHE A 219 1.80 12.12 41.91
CA PHE A 219 2.48 12.71 40.76
C PHE A 219 2.46 11.76 39.57
N LEU A 220 2.65 10.46 39.82
CA LEU A 220 2.62 9.50 38.72
C LEU A 220 1.24 9.46 38.06
N ILE A 221 0.18 9.57 38.86
CA ILE A 221 -1.17 9.57 38.32
C ILE A 221 -1.43 10.85 37.54
N VAL A 222 -0.91 11.98 38.03
CA VAL A 222 -1.03 13.23 37.28
C VAL A 222 -0.35 13.09 35.92
N LEU A 223 0.85 12.53 35.91
CA LEU A 223 1.59 12.35 34.66
C LEU A 223 0.88 11.35 33.75
N ALA A 224 0.27 10.31 34.32
CA ALA A 224 -0.46 9.34 33.51
C ALA A 224 -1.72 9.95 32.91
N LEU A 225 -2.41 10.82 33.65
CA LEU A 225 -3.55 11.55 33.09
C LEU A 225 -3.11 12.45 31.96
N PHE A 226 -1.97 13.14 32.15
CA PHE A 226 -1.43 13.98 31.07
C PHE A 226 -1.06 13.14 29.86
N GLN A 227 -0.51 11.95 30.08
CA GLN A 227 -0.15 11.05 28.98
C GLN A 227 -1.39 10.57 28.23
N ALA A 228 -2.45 10.23 28.96
CA ALA A 228 -3.69 9.80 28.31
C ALA A 228 -4.33 10.94 27.53
N GLY A 229 -4.27 12.15 28.09
CA GLY A 229 -4.75 13.31 27.33
C GLY A 229 -3.94 13.54 26.07
N LEU A 230 -2.62 13.37 26.15
CA LEU A 230 -1.78 13.49 24.96
C LEU A 230 -2.14 12.43 23.93
N GLY A 231 -2.37 11.20 24.37
CA GLY A 231 -2.77 10.15 23.44
C GLY A 231 -4.09 10.46 22.74
N ARG A 232 -5.07 10.90 23.53
CA ARG A 232 -6.37 11.27 22.95
C ARG A 232 -6.23 12.42 21.96
N MET A 233 -5.41 13.41 22.29
CA MET A 233 -5.20 14.53 21.38
C MET A 233 -4.36 14.12 20.18
N MET A 234 -3.63 13.01 20.26
CA MET A 234 -2.85 12.53 19.13
C MET A 234 -3.70 11.71 18.17
N MET A 235 -4.68 10.96 18.68
CA MET A 235 -5.57 10.23 17.78
C MET A 235 -6.24 11.16 16.78
N LYS A 236 -6.54 12.40 17.19
CA LYS A 236 -7.14 13.36 16.27
C LYS A 236 -6.20 13.71 15.14
N TYR A 237 -4.89 13.80 15.43
CA TYR A 237 -3.93 14.19 14.40
C TYR A 237 -3.73 13.12 13.34
N ARG A 238 -4.16 11.88 13.59
CA ARG A 238 -4.12 10.84 12.58
C ARG A 238 -5.45 10.66 11.86
N ASP A 239 -6.56 10.98 12.53
CA ASP A 239 -7.86 10.92 11.89
C ASP A 239 -7.95 11.91 10.72
N GLN A 240 -7.45 13.12 10.91
CA GLN A 240 -7.44 14.12 9.86
C GLN A 240 -6.35 13.88 8.82
N ARG A 241 -5.40 12.99 9.10
CA ARG A 241 -4.32 12.70 8.18
C ARG A 241 -4.57 11.47 7.31
N ALA A 242 -5.42 10.54 7.78
CA ALA A 242 -5.70 9.34 6.99
C ALA A 242 -6.34 9.69 5.65
N GLY A 243 -7.26 10.66 5.64
CA GLY A 243 -7.90 11.05 4.40
C GLY A 243 -6.93 11.66 3.41
N LYS A 244 -6.04 12.53 3.90
CA LYS A 244 -5.03 13.12 3.03
C LYS A 244 -4.08 12.05 2.48
N ILE A 245 -3.70 11.10 3.33
CA ILE A 245 -2.85 10.00 2.88
C ILE A 245 -3.54 9.21 1.78
N SER A 246 -4.82 8.90 1.97
CA SER A 246 -5.56 8.15 0.96
C SER A 246 -5.66 8.92 -0.35
N GLU A 247 -5.92 10.23 -0.28
CA GLU A 247 -6.04 11.01 -1.50
C GLU A 247 -4.72 11.08 -2.25
N ARG A 248 -3.62 11.32 -1.53
CA ARG A 248 -2.31 11.34 -2.17
C ARG A 248 -1.98 9.97 -2.76
N LEU A 249 -2.34 8.91 -2.05
CA LEU A 249 -2.07 7.55 -2.53
C LEU A 249 -2.81 7.27 -3.83
N VAL A 250 -4.10 7.62 -3.89
CA VAL A 250 -4.86 7.34 -5.10
C VAL A 250 -4.37 8.23 -6.25
N ILE A 251 -4.00 9.48 -5.96
CA ILE A 251 -3.49 10.36 -7.01
C ILE A 251 -2.22 9.80 -7.60
N THR A 252 -1.27 9.38 -6.75
CA THR A 252 -0.02 8.85 -7.25
C THR A 252 -0.21 7.49 -7.91
N SER A 253 -1.20 6.70 -7.46
CA SER A 253 -1.48 5.44 -8.11
C SER A 253 -1.99 5.65 -9.53
N GLU A 254 -2.91 6.59 -9.73
CA GLU A 254 -3.34 6.91 -11.08
C GLU A 254 -2.22 7.53 -11.91
N MET A 255 -1.34 8.30 -11.27
CA MET A 255 -0.20 8.88 -11.99
C MET A 255 0.72 7.81 -12.52
N ILE A 256 1.06 6.81 -11.70
CA ILE A 256 2.02 5.79 -12.10
C ILE A 256 1.39 4.73 -12.98
N GLU A 257 0.07 4.48 -12.84
CA GLU A 257 -0.61 3.56 -13.74
C GLU A 257 -0.66 4.07 -15.17
N ASN A 258 -0.54 5.38 -15.36
CA ASN A 258 -0.52 6.00 -16.68
C ASN A 258 0.72 6.86 -16.85
N ILE A 259 1.88 6.33 -16.45
CA ILE A 259 3.11 7.08 -16.56
C ILE A 259 3.47 7.34 -18.02
N GLN A 260 3.05 6.45 -18.92
CA GLN A 260 3.25 6.70 -20.35
C GLN A 260 2.52 7.97 -20.79
N SER A 261 1.26 8.09 -20.41
CA SER A 261 0.50 9.29 -20.74
C SER A 261 1.08 10.53 -20.07
N VAL A 262 1.53 10.39 -18.81
CA VAL A 262 2.14 11.51 -18.11
C VAL A 262 3.37 12.00 -18.85
N LYS A 263 4.24 11.07 -19.26
CA LYS A 263 5.45 11.44 -19.99
C LYS A 263 5.11 12.06 -21.34
N ALA A 264 4.12 11.50 -22.04
CA ALA A 264 3.73 12.05 -23.34
C ALA A 264 3.18 13.47 -23.19
N TYR A 265 2.40 13.73 -22.15
CA TYR A 265 1.88 15.06 -21.89
C TYR A 265 2.89 15.98 -21.22
N CYS A 266 4.06 15.46 -20.84
CA CYS A 266 5.06 16.22 -20.09
C CYS A 266 4.49 16.72 -18.76
N TRP A 267 3.67 15.88 -18.13
CA TRP A 267 3.07 16.18 -16.84
C TRP A 267 3.93 15.68 -15.69
N GLU A 268 5.21 16.03 -15.70
CA GLU A 268 6.09 15.63 -14.60
C GLU A 268 6.11 16.71 -13.52
N GLU A 269 6.43 17.95 -13.90
CA GLU A 269 6.40 19.05 -12.96
C GLU A 269 5.00 19.27 -12.40
N ALA A 270 3.99 19.20 -13.26
CA ALA A 270 2.62 19.46 -12.84
C ALA A 270 2.16 18.46 -11.79
N MET A 271 2.30 17.16 -12.11
CA MET A 271 1.82 16.14 -11.18
C MET A 271 2.71 16.05 -9.94
N GLU A 272 4.01 16.35 -10.08
CA GLU A 272 4.88 16.43 -8.91
C GLU A 272 4.41 17.52 -7.95
N LYS A 273 4.13 18.71 -8.48
CA LYS A 273 3.66 19.79 -7.62
C LYS A 273 2.29 19.46 -7.03
N MET A 274 1.44 18.79 -7.81
CA MET A 274 0.13 18.39 -7.30
C MET A 274 0.27 17.43 -6.14
N ILE A 275 1.18 16.45 -6.23
CA ILE A 275 1.36 15.49 -5.16
C ILE A 275 1.98 16.15 -3.93
N GLU A 276 2.98 17.02 -4.13
CA GLU A 276 3.56 17.74 -3.01
C GLU A 276 2.55 18.68 -2.34
N ASN A 277 1.55 19.15 -3.08
CA ASN A 277 0.52 19.98 -2.46
C ASN A 277 -0.21 19.22 -1.36
N LEU A 278 -0.54 17.95 -1.61
CA LEU A 278 -1.13 17.11 -0.57
C LEU A 278 -0.09 16.66 0.45
N ARG A 279 1.16 16.48 0.02
CA ARG A 279 2.21 16.01 0.93
C ARG A 279 2.48 17.02 2.03
N GLN A 280 2.47 18.31 1.70
CA GLN A 280 2.69 19.34 2.72
C GLN A 280 1.59 19.30 3.78
N THR A 281 0.34 19.21 3.34
CA THR A 281 -0.78 19.15 4.28
C THR A 281 -0.70 17.90 5.14
N GLU A 282 -0.34 16.76 4.55
CA GLU A 282 -0.19 15.54 5.34
C GLU A 282 0.94 15.66 6.34
N LEU A 283 2.06 16.27 5.93
CA LEU A 283 3.23 16.32 6.79
C LEU A 283 3.09 17.33 7.91
N LYS A 284 2.26 18.36 7.75
CA LYS A 284 1.97 19.25 8.87
C LYS A 284 1.38 18.46 10.05
N LEU A 285 0.34 17.66 9.77
CA LEU A 285 -0.26 16.83 10.81
C LEU A 285 0.69 15.73 11.25
N THR A 286 1.51 15.20 10.34
CA THR A 286 2.51 14.21 10.74
C THR A 286 3.48 14.79 11.76
N ARG A 287 3.97 16.00 11.52
CA ARG A 287 4.89 16.65 12.45
C ARG A 287 4.22 16.94 13.78
N LYS A 288 2.97 17.43 13.75
CA LYS A 288 2.27 17.69 15.00
C LYS A 288 2.09 16.41 15.81
N ALA A 289 1.64 15.34 15.15
CA ALA A 289 1.45 14.06 15.84
C ALA A 289 2.79 13.52 16.35
N ALA A 290 3.87 13.72 15.60
CA ALA A 290 5.16 13.22 16.05
C ALA A 290 5.65 13.98 17.28
N TYR A 291 5.43 15.30 17.32
CA TYR A 291 5.76 16.05 18.53
C TYR A 291 4.94 15.55 19.71
N VAL A 292 3.65 15.33 19.51
CA VAL A 292 2.79 14.88 20.60
C VAL A 292 3.23 13.51 21.09
N ARG A 293 3.53 12.60 20.18
CA ARG A 293 3.99 11.26 20.58
C ARG A 293 5.37 11.31 21.23
N TYR A 294 6.22 12.26 20.83
CA TYR A 294 7.49 12.42 21.51
C TYR A 294 7.26 12.83 22.96
N PHE A 295 6.37 13.80 23.19
CA PHE A 295 6.08 14.20 24.56
C PHE A 295 5.38 13.09 25.34
N ASN A 296 4.61 12.25 24.65
CA ASN A 296 3.91 11.15 25.29
C ASN A 296 4.85 10.00 25.66
N SER A 297 5.90 9.79 24.86
CA SER A 297 6.85 8.71 25.07
C SER A 297 8.09 9.13 25.83
N SER A 298 8.27 10.43 26.06
CA SER A 298 9.41 10.92 26.84
C SER A 298 9.04 11.21 28.28
N ALA A 299 7.82 10.87 28.70
CA ALA A 299 7.39 11.08 30.07
C ALA A 299 7.83 9.95 30.99
N PHE A 300 8.49 8.92 30.47
CA PHE A 300 9.10 7.89 31.29
C PHE A 300 10.53 8.24 31.68
N PHE A 301 11.32 8.69 30.71
CA PHE A 301 12.71 9.02 30.98
C PHE A 301 12.83 10.23 31.89
N PHE A 302 12.06 11.28 31.60
CA PHE A 302 12.08 12.48 32.45
C PHE A 302 11.03 12.40 33.55
N SER A 303 10.97 11.26 34.24
CA SER A 303 10.14 11.14 35.43
C SER A 303 10.77 10.36 36.56
N GLY A 304 11.85 9.61 36.33
CA GLY A 304 12.38 8.75 37.38
C GLY A 304 12.95 9.52 38.55
N PHE A 305 13.78 10.53 38.26
CA PHE A 305 14.37 11.30 39.33
C PHE A 305 13.30 12.06 40.11
N PHE A 306 12.28 12.57 39.42
CA PHE A 306 11.22 13.29 40.11
C PHE A 306 10.37 12.35 40.97
N VAL A 307 10.08 11.14 40.49
CA VAL A 307 9.33 10.19 41.28
C VAL A 307 10.11 9.80 42.53
N VAL A 308 11.41 9.53 42.38
CA VAL A 308 12.24 9.20 43.53
C VAL A 308 12.31 10.38 44.49
N PHE A 309 12.45 11.60 43.94
CA PHE A 309 12.53 12.80 44.76
C PHE A 309 11.28 12.95 45.62
N LEU A 310 10.11 12.82 45.00
CA LEU A 310 8.84 12.99 45.70
C LEU A 310 8.54 11.83 46.64
N SER A 311 9.10 10.65 46.38
CA SER A 311 8.89 9.52 47.26
C SER A 311 9.91 9.43 48.39
N VAL A 312 10.99 10.20 48.32
CA VAL A 312 11.99 10.17 49.38
C VAL A 312 11.86 11.39 50.31
N LEU A 313 11.46 12.54 49.75
CA LEU A 313 11.40 13.76 50.56
C LEU A 313 10.48 13.66 51.77
N PRO A 314 9.21 13.27 51.65
CA PRO A 314 8.35 13.24 52.85
C PRO A 314 8.73 12.15 53.84
N TYR A 315 9.63 11.24 53.48
CA TYR A 315 10.15 10.23 54.40
C TYR A 315 11.53 10.59 54.93
N ALA A 316 12.44 11.00 54.06
CA ALA A 316 13.79 11.35 54.48
C ALA A 316 13.87 12.69 55.20
N LEU A 317 12.85 13.54 55.05
CA LEU A 317 12.87 14.84 55.72
C LEU A 317 12.63 14.71 57.23
N ILE A 318 11.98 13.64 57.67
CA ILE A 318 11.64 13.51 59.09
C ILE A 318 12.08 12.19 59.69
N LYS A 319 12.36 11.14 58.91
CA LYS A 319 12.73 9.85 59.45
C LYS A 319 14.10 9.38 58.99
N GLY A 320 14.89 10.25 58.35
CA GLY A 320 16.17 9.85 57.82
C GLY A 320 16.03 8.95 56.60
N ILE A 321 17.18 8.53 56.07
CA ILE A 321 17.23 7.65 54.92
C ILE A 321 18.61 7.01 54.86
N ILE A 322 18.69 5.86 54.19
CA ILE A 322 19.96 5.21 53.91
C ILE A 322 19.95 4.77 52.45
N LEU A 323 21.17 4.58 51.92
CA LEU A 323 21.31 4.29 50.50
C LEU A 323 20.69 2.95 50.13
N ARG A 324 20.69 1.98 51.05
CA ARG A 324 20.04 0.70 50.78
C ARG A 324 18.54 0.88 50.53
N LYS A 325 17.86 1.57 51.42
CA LYS A 325 16.42 1.76 51.31
C LYS A 325 16.03 2.91 50.39
N ILE A 326 17.00 3.62 49.79
CA ILE A 326 16.64 4.53 48.71
C ILE A 326 16.89 3.82 47.37
N PHE A 327 17.86 2.89 47.34
CA PHE A 327 18.07 2.13 46.11
C PHE A 327 16.97 1.11 45.90
N THR A 328 16.46 0.51 46.99
CA THR A 328 15.29 -0.34 46.85
C THR A 328 14.10 0.46 46.33
N THR A 329 13.94 1.69 46.82
CA THR A 329 12.89 2.55 46.30
C THR A 329 13.08 2.83 44.82
N ILE A 330 14.31 3.11 44.41
CA ILE A 330 14.58 3.39 43.00
C ILE A 330 14.28 2.16 42.14
N SER A 331 14.69 0.98 42.60
CA SER A 331 14.45 -0.24 41.84
C SER A 331 12.95 -0.52 41.70
N PHE A 332 12.19 -0.33 42.78
CA PHE A 332 10.75 -0.50 42.67
C PHE A 332 10.12 0.55 41.77
N CYS A 333 10.58 1.80 41.88
CA CYS A 333 10.00 2.89 41.12
C CYS A 333 10.31 2.81 39.65
N ILE A 334 11.40 2.18 39.25
CA ILE A 334 11.66 1.99 37.82
C ILE A 334 10.57 1.13 37.20
N VAL A 335 10.25 0.01 37.84
CA VAL A 335 9.20 -0.87 37.33
C VAL A 335 7.84 -0.17 37.43
N LEU A 336 7.60 0.57 38.51
CA LEU A 336 6.34 1.28 38.64
C LEU A 336 6.17 2.33 37.54
N ARG A 337 7.24 3.07 37.24
CA ARG A 337 7.20 4.08 36.20
C ARG A 337 6.98 3.45 34.84
N MET A 338 7.67 2.34 34.55
CA MET A 338 7.43 1.66 33.29
C MET A 338 5.98 1.19 33.19
N ALA A 339 5.44 0.61 34.27
CA ALA A 339 4.09 0.08 34.23
C ALA A 339 3.06 1.18 34.02
N VAL A 340 3.24 2.34 34.67
CA VAL A 340 2.20 3.36 34.66
C VAL A 340 2.49 4.49 33.67
N THR A 341 3.57 4.41 32.90
CA THR A 341 3.88 5.50 31.98
C THR A 341 4.24 4.95 30.60
N ARG A 342 4.71 3.71 30.54
CA ARG A 342 5.06 3.08 29.26
C ARG A 342 4.19 1.89 28.91
N GLN A 343 3.51 1.30 29.88
CA GLN A 343 2.71 0.10 29.64
C GLN A 343 1.21 0.36 29.67
N PHE A 344 0.72 1.21 30.57
CA PHE A 344 -0.71 1.48 30.63
C PHE A 344 -1.17 2.42 29.52
N PRO A 345 -0.52 3.59 29.32
CA PRO A 345 -0.93 4.42 28.17
C PRO A 345 -0.73 3.73 26.83
N TRP A 346 0.32 2.92 26.69
CA TRP A 346 0.48 2.14 25.47
C TRP A 346 -0.68 1.18 25.27
N ALA A 347 -1.10 0.50 26.34
CA ALA A 347 -2.21 -0.43 26.24
C ALA A 347 -3.52 0.29 25.90
N VAL A 348 -3.75 1.44 26.52
CA VAL A 348 -4.96 2.19 26.24
C VAL A 348 -4.98 2.69 24.80
N GLN A 349 -3.83 3.20 24.32
CA GLN A 349 -3.75 3.63 22.94
C GLN A 349 -3.95 2.49 21.97
N THR A 350 -3.37 1.33 22.27
CA THR A 350 -3.52 0.18 21.39
C THR A 350 -4.96 -0.32 21.37
N TRP A 351 -5.63 -0.32 22.52
CA TRP A 351 -7.05 -0.69 22.55
C TRP A 351 -7.89 0.29 21.77
N TYR A 352 -7.60 1.59 21.89
CA TYR A 352 -8.35 2.58 21.11
C TYR A 352 -8.15 2.38 19.62
N ASP A 353 -6.91 2.14 19.21
CA ASP A 353 -6.63 1.91 17.79
C ASP A 353 -7.31 0.65 17.28
N SER A 354 -7.24 -0.43 18.07
CA SER A 354 -7.86 -1.69 17.65
C SER A 354 -9.37 -1.56 17.56
N LEU A 355 -9.99 -0.91 18.55
CA LEU A 355 -11.44 -0.74 18.50
C LEU A 355 -11.86 0.17 17.35
N GLY A 356 -11.09 1.22 17.08
CA GLY A 356 -11.41 2.06 15.94
C GLY A 356 -11.30 1.33 14.61
N ALA A 357 -10.23 0.55 14.45
CA ALA A 357 -10.07 -0.24 13.23
C ALA A 357 -11.19 -1.28 13.10
N ILE A 358 -11.56 -1.92 14.20
CA ILE A 358 -12.63 -2.92 14.17
C ILE A 358 -13.95 -2.26 13.81
N ASN A 359 -14.23 -1.08 14.37
CA ASN A 359 -15.47 -0.38 14.05
C ASN A 359 -15.51 0.05 12.59
N LYS A 360 -14.39 0.56 12.07
CA LYS A 360 -14.34 0.95 10.66
C LYS A 360 -14.51 -0.26 9.75
N ILE A 361 -13.89 -1.38 10.09
CA ILE A 361 -14.01 -2.58 9.29
C ILE A 361 -15.43 -3.13 9.34
N GLN A 362 -16.08 -3.07 10.50
CA GLN A 362 -17.47 -3.48 10.61
C GLN A 362 -18.37 -2.58 9.79
N ASP A 363 -18.08 -1.27 9.77
CA ASP A 363 -18.83 -0.35 8.92
C ASP A 363 -18.67 -0.74 7.46
N PHE A 364 -17.44 -1.10 7.06
CA PHE A 364 -17.21 -1.57 5.70
C PHE A 364 -18.02 -2.83 5.40
N LEU A 365 -18.05 -3.78 6.32
CA LEU A 365 -18.85 -4.99 6.13
C LEU A 365 -20.35 -4.74 6.23
N GLN A 366 -20.77 -3.57 6.69
CA GLN A 366 -22.19 -3.24 6.82
C GLN A 366 -22.63 -2.20 5.79
N LYS A 367 -22.11 -2.30 4.57
CA LYS A 367 -22.50 -1.43 3.47
C LYS A 367 -23.58 -2.12 2.63
N GLN A 368 -24.12 -1.38 1.66
CA GLN A 368 -25.18 -1.90 0.82
C GLN A 368 -24.67 -3.07 -0.03
N GLU A 369 -25.51 -4.10 -0.15
CA GLU A 369 -25.14 -5.31 -0.87
C GLU A 369 -25.64 -5.26 -2.31
N TYR A 370 -25.32 -6.30 -3.07
CA TYR A 370 -25.65 -6.41 -4.48
C TYR A 370 -26.64 -7.56 -4.65
N LYS A 371 -27.90 -7.21 -4.93
CA LYS A 371 -28.98 -8.18 -4.98
C LYS A 371 -29.35 -8.53 -6.42
N THR A 372 -29.58 -9.82 -6.67
CA THR A 372 -30.04 -10.31 -7.97
C THR A 372 -31.19 -11.27 -7.72
N LEU A 373 -32.31 -11.06 -8.40
CA LEU A 373 -33.45 -11.96 -8.31
C LEU A 373 -34.39 -11.79 -9.50
N THR A 379 -37.59 -19.61 -22.68
CA THR A 379 -36.24 -19.95 -23.11
C THR A 379 -35.39 -18.70 -23.30
N THR A 380 -34.99 -18.09 -22.18
CA THR A 380 -34.17 -16.87 -22.18
C THR A 380 -34.85 -15.78 -23.00
N GLU A 381 -36.17 -15.69 -22.88
CA GLU A 381 -36.91 -14.61 -23.53
C GLU A 381 -36.68 -13.32 -22.76
N VAL A 382 -35.62 -12.59 -23.10
CA VAL A 382 -35.26 -11.38 -22.37
C VAL A 382 -36.33 -10.33 -22.63
N VAL A 383 -37.15 -10.04 -21.63
CA VAL A 383 -38.17 -9.01 -21.70
C VAL A 383 -37.75 -7.84 -20.83
N MET A 384 -38.22 -6.66 -21.21
CA MET A 384 -37.91 -5.43 -20.47
C MET A 384 -39.05 -4.46 -20.77
N GLU A 385 -39.72 -3.97 -19.74
CA GLU A 385 -40.91 -3.14 -19.91
C GLU A 385 -40.82 -1.91 -19.01
N ASN A 386 -40.82 -0.74 -19.63
CA ASN A 386 -40.89 0.55 -18.94
C ASN A 386 -39.84 0.64 -17.83
N VAL A 387 -38.57 0.59 -18.22
CA VAL A 387 -37.45 0.64 -17.29
C VAL A 387 -36.89 2.05 -17.26
N THR A 388 -36.78 2.61 -16.06
CA THR A 388 -36.19 3.92 -15.83
C THR A 388 -35.00 3.76 -14.89
N ALA A 389 -33.86 4.29 -15.27
CA ALA A 389 -32.62 4.12 -14.53
C ALA A 389 -32.17 5.43 -13.91
N PHE A 390 -31.16 5.34 -13.05
CA PHE A 390 -30.59 6.50 -12.39
C PHE A 390 -29.11 6.27 -12.06
N THR A 428 -31.30 13.42 -12.65
CA THR A 428 -31.64 13.15 -14.05
C THR A 428 -31.61 11.65 -14.31
N PRO A 429 -32.52 11.18 -15.18
CA PRO A 429 -32.56 9.74 -15.49
C PRO A 429 -31.64 9.35 -16.63
N VAL A 430 -30.79 8.35 -16.41
CA VAL A 430 -29.91 7.88 -17.47
C VAL A 430 -30.71 7.15 -18.54
N LEU A 431 -31.70 6.37 -18.14
CA LEU A 431 -32.63 5.71 -19.06
C LEU A 431 -34.03 6.26 -18.85
N LYS A 432 -34.88 6.07 -19.87
CA LYS A 432 -36.23 6.62 -19.82
C LYS A 432 -37.13 5.77 -20.70
N ASP A 433 -38.04 5.02 -20.07
CA ASP A 433 -39.07 4.25 -20.77
C ASP A 433 -38.46 3.31 -21.82
N ILE A 434 -37.34 2.70 -21.48
CA ILE A 434 -36.66 1.77 -22.37
C ILE A 434 -37.30 0.40 -22.21
N ASN A 435 -37.76 -0.18 -23.31
CA ASN A 435 -38.43 -1.48 -23.27
C ASN A 435 -38.14 -2.24 -24.56
N PHE A 436 -37.86 -3.53 -24.41
CA PHE A 436 -37.63 -4.40 -25.56
C PHE A 436 -37.87 -5.84 -25.14
N LYS A 437 -38.05 -6.71 -26.14
CA LYS A 437 -38.21 -8.14 -25.92
C LYS A 437 -37.36 -8.89 -26.92
N ILE A 438 -36.58 -9.85 -26.45
CA ILE A 438 -35.68 -10.63 -27.29
C ILE A 438 -35.92 -12.11 -27.01
N GLU A 439 -36.06 -12.89 -28.08
CA GLU A 439 -36.20 -14.34 -27.96
C GLU A 439 -34.82 -15.00 -27.94
N ARG A 440 -34.81 -16.32 -27.79
CA ARG A 440 -33.56 -17.06 -27.78
C ARG A 440 -33.00 -17.14 -29.21
N GLY A 441 -31.69 -16.94 -29.32
CA GLY A 441 -31.05 -16.95 -30.62
C GLY A 441 -31.46 -15.81 -31.52
N GLN A 442 -31.54 -14.60 -30.98
CA GLN A 442 -31.97 -13.43 -31.74
C GLN A 442 -31.08 -12.25 -31.35
N LEU A 443 -30.21 -11.86 -32.27
CA LEU A 443 -29.29 -10.75 -32.01
C LEU A 443 -30.03 -9.42 -32.03
N LEU A 444 -29.67 -8.54 -31.08
CA LEU A 444 -30.20 -7.19 -31.03
C LEU A 444 -29.03 -6.23 -30.86
N ALA A 445 -29.06 -5.13 -31.61
CA ALA A 445 -27.99 -4.14 -31.59
C ALA A 445 -28.49 -2.85 -30.96
N VAL A 446 -27.74 -2.34 -29.99
CA VAL A 446 -28.06 -1.09 -29.31
C VAL A 446 -27.13 -0.01 -29.86
N ALA A 447 -27.71 1.01 -30.51
CA ALA A 447 -26.96 2.11 -31.07
C ALA A 447 -27.42 3.41 -30.42
N GLY A 448 -26.72 4.48 -30.73
CA GLY A 448 -27.09 5.80 -30.23
C GLY A 448 -25.89 6.71 -30.13
N SER A 449 -26.18 7.97 -29.81
CA SER A 449 -25.14 8.97 -29.66
C SER A 449 -24.29 8.69 -28.41
N THR A 450 -23.15 9.37 -28.32
CA THR A 450 -22.32 9.26 -27.13
C THR A 450 -23.05 9.83 -25.92
N GLY A 451 -22.99 9.09 -24.82
CA GLY A 451 -23.71 9.48 -23.62
C GLY A 451 -25.18 9.12 -23.62
N ALA A 452 -25.66 8.39 -24.63
CA ALA A 452 -27.07 8.03 -24.68
C ALA A 452 -27.44 7.08 -23.55
N GLY A 453 -26.57 6.14 -23.23
CA GLY A 453 -26.85 5.20 -22.17
C GLY A 453 -26.88 3.75 -22.61
N LYS A 454 -26.10 3.41 -23.63
CA LYS A 454 -26.04 2.04 -24.09
C LYS A 454 -25.36 1.14 -23.06
N THR A 455 -24.21 1.59 -22.53
CA THR A 455 -23.56 0.84 -21.48
C THR A 455 -24.42 0.78 -20.23
N SER A 456 -25.13 1.87 -19.92
CA SER A 456 -26.03 1.87 -18.77
C SER A 456 -27.14 0.85 -18.94
N LEU A 457 -27.71 0.76 -20.14
CA LEU A 457 -28.72 -0.25 -20.41
C LEU A 457 -28.13 -1.66 -20.25
N LEU A 458 -26.89 -1.85 -20.69
CA LEU A 458 -26.26 -3.17 -20.52
C LEU A 458 -26.10 -3.52 -19.05
N MET A 459 -25.73 -2.54 -18.22
CA MET A 459 -25.64 -2.79 -16.78
C MET A 459 -27.01 -3.04 -16.18
N VAL A 460 -28.05 -2.35 -16.63
CA VAL A 460 -29.39 -2.62 -16.11
C VAL A 460 -29.80 -4.05 -16.47
N ILE A 461 -29.40 -4.51 -17.65
CA ILE A 461 -29.67 -5.90 -18.04
C ILE A 461 -28.90 -6.85 -17.13
N MET A 462 -27.63 -6.57 -16.88
CA MET A 462 -26.82 -7.48 -16.05
C MET A 462 -27.33 -7.54 -14.62
N GLY A 463 -27.67 -6.40 -14.04
CA GLY A 463 -28.19 -6.37 -12.68
C GLY A 463 -27.46 -5.40 -11.76
N GLU A 464 -26.42 -4.74 -12.27
CA GLU A 464 -25.67 -3.80 -11.44
C GLU A 464 -26.52 -2.57 -11.11
N LEU A 465 -26.93 -1.83 -12.14
CA LEU A 465 -27.73 -0.63 -11.90
C LEU A 465 -29.14 -1.02 -11.47
N GLU A 466 -29.72 -0.18 -10.60
CA GLU A 466 -31.04 -0.46 -10.05
C GLU A 466 -32.09 0.29 -10.85
N PRO A 467 -32.96 -0.40 -11.60
CA PRO A 467 -34.06 0.29 -12.29
C PRO A 467 -35.11 0.75 -11.29
N SER A 468 -35.32 2.06 -11.22
CA SER A 468 -36.29 2.61 -10.28
C SER A 468 -37.70 2.10 -10.57
N GLU A 469 -38.06 2.05 -11.85
CA GLU A 469 -39.33 1.50 -12.30
C GLU A 469 -39.07 0.53 -13.43
N GLY A 470 -39.80 -0.58 -13.45
CA GLY A 470 -39.70 -1.57 -14.50
C GLY A 470 -39.16 -2.89 -14.00
N LYS A 471 -39.08 -3.84 -14.91
CA LYS A 471 -38.65 -5.20 -14.62
C LYS A 471 -37.67 -5.68 -15.68
N ILE A 472 -36.83 -6.63 -15.27
CA ILE A 472 -35.91 -7.32 -16.17
C ILE A 472 -36.09 -8.82 -15.98
N LYS A 473 -36.32 -9.54 -17.08
CA LYS A 473 -36.58 -10.97 -17.02
C LYS A 473 -35.65 -11.67 -18.01
N HIS A 474 -34.70 -12.45 -17.48
CA HIS A 474 -33.80 -13.24 -18.30
C HIS A 474 -33.17 -14.31 -17.43
N SER A 475 -32.56 -15.30 -18.07
CA SER A 475 -31.82 -16.31 -17.33
C SER A 475 -30.61 -15.70 -16.63
N GLY A 476 -30.25 -16.30 -15.50
CA GLY A 476 -29.18 -15.74 -14.68
C GLY A 476 -27.83 -15.69 -15.37
N ARG A 477 -27.54 -16.68 -16.21
CA ARG A 477 -26.23 -16.77 -16.85
C ARG A 477 -26.01 -15.59 -17.80
N ILE A 478 -24.90 -14.89 -17.61
CA ILE A 478 -24.60 -13.66 -18.35
C ILE A 478 -23.13 -13.68 -18.74
N SER A 479 -22.84 -13.30 -19.97
CA SER A 479 -21.47 -13.13 -20.46
C SER A 479 -21.30 -11.69 -20.92
N PHE A 480 -20.27 -11.04 -20.40
CA PHE A 480 -20.06 -9.60 -20.59
C PHE A 480 -18.70 -9.33 -21.21
N CYS A 481 -18.68 -8.52 -22.25
CA CYS A 481 -17.44 -7.99 -22.82
C CYS A 481 -17.40 -6.48 -22.58
N PRO A 482 -16.61 -5.99 -21.63
CA PRO A 482 -16.70 -4.58 -21.26
C PRO A 482 -16.23 -3.67 -22.39
N GLN A 483 -16.74 -2.43 -22.37
CA GLN A 483 -16.34 -1.45 -23.36
C GLN A 483 -14.84 -1.18 -23.29
N PHE A 484 -14.31 -1.02 -22.08
CA PHE A 484 -12.88 -0.92 -21.87
C PHE A 484 -12.37 -2.30 -21.45
N PRO A 485 -11.59 -2.99 -22.26
CA PRO A 485 -11.21 -4.36 -21.92
C PRO A 485 -10.41 -4.42 -20.63
N TRP A 486 -10.69 -5.46 -19.84
CA TRP A 486 -10.02 -5.67 -18.56
C TRP A 486 -9.16 -6.92 -18.66
N ILE A 487 -7.86 -6.77 -18.42
CA ILE A 487 -6.90 -7.86 -18.49
C ILE A 487 -6.29 -8.03 -17.11
N MET A 488 -6.58 -9.15 -16.46
CA MET A 488 -6.03 -9.38 -15.13
C MET A 488 -4.66 -10.02 -15.23
N PRO A 489 -3.82 -9.86 -14.20
CA PRO A 489 -2.52 -10.53 -14.19
C PRO A 489 -2.68 -12.04 -14.31
N GLY A 490 -1.79 -12.65 -15.10
CA GLY A 490 -1.87 -14.07 -15.36
C GLY A 490 -1.62 -14.39 -16.82
N THR A 491 -1.61 -15.68 -17.15
CA THR A 491 -1.38 -16.08 -18.53
C THR A 491 -2.58 -15.72 -19.40
N ILE A 492 -2.36 -15.75 -20.72
CA ILE A 492 -3.46 -15.50 -21.64
C ILE A 492 -4.49 -16.62 -21.56
N LYS A 493 -4.04 -17.86 -21.32
CA LYS A 493 -4.98 -18.95 -21.12
C LYS A 493 -5.90 -18.67 -19.94
N GLU A 494 -5.34 -18.19 -18.82
CA GLU A 494 -6.17 -17.85 -17.68
C GLU A 494 -7.08 -16.66 -17.99
N ASN A 495 -6.55 -15.67 -18.70
CA ASN A 495 -7.35 -14.49 -19.05
C ASN A 495 -8.52 -14.84 -19.96
N ILE A 496 -8.40 -15.91 -20.75
CA ILE A 496 -9.48 -16.31 -21.65
C ILE A 496 -10.44 -17.26 -20.97
N ILE A 497 -9.93 -18.34 -20.35
CA ILE A 497 -10.79 -19.31 -19.71
C ILE A 497 -11.54 -18.69 -18.53
N PHE A 498 -10.84 -17.92 -17.70
CA PHE A 498 -11.44 -17.23 -16.55
C PHE A 498 -12.06 -18.21 -15.56
N GLY A 499 -11.22 -19.10 -15.05
CA GLY A 499 -11.59 -19.97 -13.94
C GLY A 499 -12.66 -21.01 -14.21
N VAL A 500 -12.63 -21.64 -15.40
CA VAL A 500 -13.47 -22.79 -15.68
C VAL A 500 -12.57 -23.93 -16.17
N SER A 501 -13.19 -25.09 -16.39
CA SER A 501 -12.44 -26.23 -16.90
C SER A 501 -11.91 -25.96 -18.30
N TYR A 502 -10.65 -26.30 -18.52
CA TYR A 502 -10.04 -26.13 -19.83
C TYR A 502 -10.74 -27.03 -20.86
N ASP A 503 -11.09 -26.45 -21.99
CA ASP A 503 -11.72 -27.17 -23.10
C ASP A 503 -10.86 -26.97 -24.34
N GLU A 504 -10.23 -28.04 -24.81
CA GLU A 504 -9.28 -27.92 -25.91
C GLU A 504 -9.96 -27.44 -27.19
N TYR A 505 -11.05 -28.12 -27.59
CA TYR A 505 -11.70 -27.77 -28.85
C TYR A 505 -12.35 -26.40 -28.78
N ARG A 506 -13.06 -26.11 -27.69
CA ARG A 506 -13.71 -24.81 -27.55
C ARG A 506 -12.70 -23.69 -27.50
N TYR A 507 -11.59 -23.89 -26.78
CA TYR A 507 -10.56 -22.87 -26.69
C TYR A 507 -9.90 -22.62 -28.05
N ARG A 508 -9.61 -23.69 -28.79
CA ARG A 508 -9.03 -23.52 -30.12
C ARG A 508 -9.99 -22.80 -31.05
N SER A 509 -11.27 -23.16 -31.00
CA SER A 509 -12.25 -22.49 -31.85
C SER A 509 -12.39 -21.02 -31.50
N VAL A 510 -12.38 -20.69 -30.20
CA VAL A 510 -12.49 -19.30 -29.79
C VAL A 510 -11.27 -18.51 -30.24
N ILE A 511 -10.07 -19.05 -30.00
CA ILE A 511 -8.85 -18.33 -30.35
C ILE A 511 -8.67 -18.23 -31.86
N LYS A 512 -9.30 -19.11 -32.64
CA LYS A 512 -9.26 -19.00 -34.09
C LYS A 512 -10.31 -18.06 -34.63
N ALA A 513 -11.49 -18.00 -33.98
CA ALA A 513 -12.53 -17.10 -34.45
C ALA A 513 -12.23 -15.65 -34.11
N CYS A 514 -11.64 -15.41 -32.94
CA CYS A 514 -11.31 -14.05 -32.51
C CYS A 514 -10.08 -13.49 -33.22
N GLN A 515 -9.56 -14.19 -34.22
CA GLN A 515 -8.34 -13.80 -34.94
C GLN A 515 -7.16 -13.63 -33.99
N LEU A 516 -7.20 -14.28 -32.83
CA LEU A 516 -6.17 -14.13 -31.82
C LEU A 516 -5.04 -15.15 -31.96
N GLU A 517 -5.17 -16.11 -32.86
CA GLU A 517 -4.12 -17.11 -33.03
C GLU A 517 -2.86 -16.49 -33.63
N GLU A 518 -3.02 -15.55 -34.57
CA GLU A 518 -1.87 -14.90 -35.18
C GLU A 518 -1.07 -14.12 -34.14
N ASP A 519 -1.76 -13.39 -33.26
CA ASP A 519 -1.07 -12.68 -32.19
C ASP A 519 -0.50 -13.65 -31.17
N ILE A 520 -1.20 -14.76 -30.92
CA ILE A 520 -0.77 -15.69 -29.89
C ILE A 520 0.50 -16.43 -30.29
N SER A 521 0.66 -16.73 -31.57
CA SER A 521 1.82 -17.51 -32.02
C SER A 521 2.98 -16.61 -32.43
N LYS A 522 3.28 -15.62 -31.58
CA LYS A 522 4.42 -14.74 -31.78
C LYS A 522 5.23 -14.64 -30.49
N PHE A 523 4.57 -14.82 -29.35
CA PHE A 523 5.22 -14.69 -28.06
C PHE A 523 6.13 -15.89 -27.79
N PRO A 524 7.14 -15.72 -26.93
CA PRO A 524 7.99 -16.87 -26.57
C PRO A 524 7.20 -18.02 -26.00
N GLU A 525 6.18 -17.75 -25.19
CA GLU A 525 5.23 -18.76 -24.76
C GLU A 525 4.10 -18.82 -25.77
N LYS A 526 3.86 -20.00 -26.34
CA LYS A 526 2.96 -20.11 -27.49
C LYS A 526 1.55 -19.69 -27.11
N ASP A 527 1.05 -20.15 -25.96
CA ASP A 527 -0.30 -19.78 -25.56
C ASP A 527 -0.32 -19.30 -24.10
N ASN A 528 0.56 -19.84 -23.27
CA ASN A 528 0.58 -19.52 -21.85
C ASN A 528 1.64 -18.46 -21.55
N THR A 529 1.45 -17.27 -22.11
CA THR A 529 2.32 -16.13 -21.86
C THR A 529 1.70 -15.23 -20.79
N VAL A 530 2.51 -14.84 -19.81
CA VAL A 530 2.00 -14.10 -18.66
C VAL A 530 1.94 -12.61 -19.00
N LEU A 531 0.79 -12.00 -18.76
CA LEU A 531 0.59 -10.58 -18.98
C LEU A 531 0.61 -9.82 -17.66
N GLY A 532 1.13 -8.61 -17.71
CA GLY A 532 1.17 -7.76 -16.53
C GLY A 532 -0.21 -7.28 -16.13
N GLU A 533 -0.28 -6.73 -14.91
CA GLU A 533 -1.54 -6.21 -14.40
C GLU A 533 -2.05 -5.09 -15.29
N GLY A 534 -3.32 -5.17 -15.67
CA GLY A 534 -3.91 -4.21 -16.58
C GLY A 534 -3.63 -4.47 -18.04
N GLY A 535 -2.87 -5.52 -18.37
CA GLY A 535 -2.57 -5.82 -19.76
C GLY A 535 -1.75 -4.75 -20.46
N ILE A 536 -0.72 -4.24 -19.80
CA ILE A 536 0.08 -3.16 -20.38
C ILE A 536 1.05 -3.68 -21.44
N THR A 537 1.29 -4.99 -21.49
CA THR A 537 2.19 -5.53 -22.49
C THR A 537 1.55 -5.56 -23.87
N LEU A 538 0.24 -5.71 -23.94
CA LEU A 538 -0.49 -5.85 -25.19
C LEU A 538 -1.01 -4.49 -25.67
N SER A 539 -1.28 -4.43 -26.97
CA SER A 539 -1.90 -3.24 -27.55
C SER A 539 -3.38 -3.19 -27.19
N GLY A 540 -4.00 -2.05 -27.52
CA GLY A 540 -5.43 -1.91 -27.28
C GLY A 540 -6.24 -2.93 -28.06
N GLY A 541 -5.88 -3.16 -29.32
CA GLY A 541 -6.59 -4.15 -30.11
C GLY A 541 -6.44 -5.56 -29.57
N GLN A 542 -5.24 -5.92 -29.13
CA GLN A 542 -5.03 -7.24 -28.56
C GLN A 542 -5.79 -7.40 -27.24
N ARG A 543 -5.82 -6.35 -26.42
CA ARG A 543 -6.59 -6.41 -25.19
C ARG A 543 -8.08 -6.58 -25.49
N ALA A 544 -8.60 -5.85 -26.48
CA ALA A 544 -9.99 -5.99 -26.86
C ALA A 544 -10.28 -7.39 -27.38
N LYS A 545 -9.37 -7.95 -28.18
CA LYS A 545 -9.55 -9.31 -28.67
C LYS A 545 -9.57 -10.31 -27.53
N ILE A 546 -8.68 -10.14 -26.55
CA ILE A 546 -8.65 -11.08 -25.42
C ILE A 546 -9.93 -10.97 -24.60
N SER A 547 -10.41 -9.74 -24.36
CA SER A 547 -11.65 -9.57 -23.62
C SER A 547 -12.84 -10.18 -24.36
N LEU A 548 -12.91 -9.98 -25.67
CA LEU A 548 -13.99 -10.56 -26.45
C LEU A 548 -13.89 -12.08 -26.47
N ALA A 549 -12.67 -12.62 -26.53
CA ALA A 549 -12.49 -14.07 -26.48
C ALA A 549 -12.94 -14.62 -25.14
N ARG A 550 -12.64 -13.92 -24.06
CA ARG A 550 -13.10 -14.35 -22.73
C ARG A 550 -14.62 -14.34 -22.66
N ALA A 551 -15.24 -13.31 -23.23
CA ALA A 551 -16.70 -13.24 -23.24
C ALA A 551 -17.29 -14.40 -24.05
N VAL A 552 -16.70 -14.69 -25.21
CA VAL A 552 -17.24 -15.72 -26.10
C VAL A 552 -17.05 -17.12 -25.49
N TYR A 553 -15.90 -17.34 -24.84
CA TYR A 553 -15.56 -18.67 -24.36
C TYR A 553 -16.57 -19.17 -23.33
N LYS A 554 -17.01 -18.29 -22.43
CA LYS A 554 -17.99 -18.69 -21.43
C LYS A 554 -19.31 -19.06 -22.08
N ASP A 555 -19.92 -20.15 -21.62
CA ASP A 555 -21.20 -20.61 -22.13
C ASP A 555 -22.30 -19.97 -21.31
N ALA A 556 -22.99 -18.99 -21.89
CA ALA A 556 -24.06 -18.28 -21.21
C ALA A 556 -25.23 -18.10 -22.17
N ASP A 557 -26.41 -17.92 -21.58
CA ASP A 557 -27.61 -17.74 -22.39
C ASP A 557 -27.62 -16.38 -23.07
N LEU A 558 -27.20 -15.33 -22.36
CA LEU A 558 -27.23 -13.97 -22.85
C LEU A 558 -25.82 -13.42 -22.92
N TYR A 559 -25.48 -12.77 -24.03
CA TYR A 559 -24.17 -12.17 -24.25
C TYR A 559 -24.33 -10.67 -24.38
N LEU A 560 -23.51 -9.93 -23.64
CA LEU A 560 -23.52 -8.47 -23.64
C LEU A 560 -22.17 -7.99 -24.17
N LEU A 561 -22.10 -7.78 -25.48
CA LEU A 561 -20.86 -7.34 -26.12
C LEU A 561 -20.88 -5.81 -26.17
N ASP A 562 -20.33 -5.19 -25.14
CA ASP A 562 -20.35 -3.73 -25.01
C ASP A 562 -19.32 -3.13 -25.96
N SER A 563 -19.68 -3.10 -27.24
CA SER A 563 -18.83 -2.61 -28.32
C SER A 563 -17.47 -3.29 -28.29
N PRO A 564 -17.39 -4.59 -28.62
CA PRO A 564 -16.10 -5.28 -28.59
C PRO A 564 -15.19 -4.92 -29.74
N PHE A 565 -15.67 -4.18 -30.73
CA PHE A 565 -14.90 -3.82 -31.92
C PHE A 565 -14.54 -2.34 -31.92
N GLY A 566 -14.22 -1.78 -30.76
CA GLY A 566 -13.92 -0.37 -30.67
C GLY A 566 -12.49 -0.03 -31.01
N TYR A 567 -11.55 -0.82 -30.51
CA TYR A 567 -10.12 -0.59 -30.76
C TYR A 567 -9.59 -1.39 -31.94
N LEU A 568 -10.44 -2.12 -32.64
CA LEU A 568 -10.03 -2.95 -33.77
C LEU A 568 -10.27 -2.23 -35.08
N ASP A 569 -9.37 -2.47 -36.04
CA ASP A 569 -9.49 -1.84 -37.35
C ASP A 569 -10.65 -2.46 -38.14
N VAL A 570 -10.89 -1.91 -39.33
CA VAL A 570 -12.08 -2.26 -40.09
C VAL A 570 -12.05 -3.73 -40.51
N LEU A 571 -10.92 -4.19 -41.04
CA LEU A 571 -10.85 -5.54 -41.57
C LEU A 571 -10.97 -6.58 -40.45
N THR A 572 -10.22 -6.40 -39.37
CA THR A 572 -10.30 -7.34 -38.24
C THR A 572 -11.68 -7.31 -37.62
N GLU A 573 -12.29 -6.12 -37.53
CA GLU A 573 -13.63 -6.01 -36.98
C GLU A 573 -14.64 -6.77 -37.84
N LYS A 574 -14.53 -6.63 -39.17
CA LYS A 574 -15.42 -7.35 -40.08
C LYS A 574 -15.26 -8.86 -39.94
N GLU A 575 -14.01 -9.32 -39.95
CA GLU A 575 -13.76 -10.76 -39.84
C GLU A 575 -14.26 -11.31 -38.52
N ILE A 576 -14.04 -10.58 -37.42
CA ILE A 576 -14.48 -11.05 -36.12
C ILE A 576 -16.00 -11.05 -36.05
N PHE A 577 -16.65 -10.04 -36.63
CA PHE A 577 -18.11 -9.96 -36.58
C PHE A 577 -18.75 -11.10 -37.35
N GLU A 578 -18.21 -11.45 -38.52
CA GLU A 578 -18.78 -12.54 -39.30
C GLU A 578 -18.09 -13.88 -39.05
N SER A 579 -17.31 -14.00 -37.98
CA SER A 579 -16.77 -15.31 -37.61
C SER A 579 -17.00 -15.63 -36.15
N CYS A 580 -17.02 -14.61 -35.29
CA CYS A 580 -17.15 -14.81 -33.85
C CYS A 580 -18.46 -14.27 -33.27
N VAL A 581 -19.28 -13.61 -34.07
CA VAL A 581 -20.57 -13.13 -33.60
C VAL A 581 -21.74 -13.64 -34.45
N CYS A 582 -21.51 -13.99 -35.71
CA CYS A 582 -22.57 -14.45 -36.59
C CYS A 582 -22.42 -15.91 -37.00
N LYS A 583 -21.27 -16.54 -36.74
CA LYS A 583 -21.04 -17.92 -37.14
C LYS A 583 -20.85 -18.85 -35.95
N LEU A 584 -19.93 -18.52 -35.04
CA LEU A 584 -19.71 -19.37 -33.87
C LEU A 584 -20.93 -19.35 -32.96
N MET A 585 -21.26 -18.19 -32.43
CA MET A 585 -22.40 -18.05 -31.50
C MET A 585 -23.68 -17.66 -32.24
N ALA A 586 -24.01 -18.36 -33.32
CA ALA A 586 -25.28 -18.14 -34.00
C ALA A 586 -26.34 -19.12 -33.54
N ASN A 587 -26.48 -19.28 -32.22
CA ASN A 587 -27.52 -20.13 -31.67
C ASN A 587 -28.12 -19.59 -30.37
N LYS A 588 -27.69 -18.42 -29.89
CA LYS A 588 -28.11 -17.91 -28.61
C LYS A 588 -28.27 -16.41 -28.69
N THR A 589 -29.17 -15.87 -27.86
CA THR A 589 -29.43 -14.44 -27.85
C THR A 589 -28.20 -13.67 -27.39
N ARG A 590 -27.93 -12.55 -28.07
CA ARG A 590 -26.81 -11.69 -27.73
C ARG A 590 -27.19 -10.26 -28.02
N ILE A 591 -26.83 -9.36 -27.11
CA ILE A 591 -27.05 -7.93 -27.26
C ILE A 591 -25.68 -7.24 -27.30
N LEU A 592 -25.41 -6.53 -28.39
CA LEU A 592 -24.12 -5.86 -28.57
C LEU A 592 -24.35 -4.41 -28.97
N VAL A 593 -23.54 -3.53 -28.38
CA VAL A 593 -23.57 -2.12 -28.72
C VAL A 593 -22.74 -1.88 -29.98
N THR A 594 -23.35 -1.26 -30.98
CA THR A 594 -22.66 -1.01 -32.24
C THR A 594 -23.14 0.30 -32.83
N SER A 595 -22.34 0.83 -33.75
CA SER A 595 -22.69 2.05 -34.46
C SER A 595 -22.38 1.93 -35.95
N LYS A 596 -22.48 0.71 -36.50
CA LYS A 596 -22.17 0.45 -37.90
C LYS A 596 -23.41 -0.07 -38.60
N MET A 597 -23.70 0.49 -39.77
CA MET A 597 -24.92 0.12 -40.49
C MET A 597 -24.92 -1.34 -40.89
N GLU A 598 -23.74 -1.94 -41.13
CA GLU A 598 -23.68 -3.36 -41.44
C GLU A 598 -24.15 -4.20 -40.25
N HIS A 599 -23.66 -3.88 -39.05
CA HIS A 599 -24.10 -4.61 -37.87
C HIS A 599 -25.57 -4.38 -37.59
N LEU A 600 -26.05 -3.14 -37.81
CA LEU A 600 -27.48 -2.87 -37.62
C LEU A 600 -28.32 -3.68 -38.59
N LYS A 601 -27.88 -3.78 -39.86
CA LYS A 601 -28.61 -4.58 -40.84
C LYS A 601 -28.62 -6.04 -40.46
N LYS A 602 -27.48 -6.56 -39.97
CA LYS A 602 -27.44 -7.95 -39.54
C LYS A 602 -28.36 -8.20 -38.35
N ALA A 603 -28.42 -7.25 -37.41
CA ALA A 603 -29.18 -7.44 -36.19
C ALA A 603 -30.65 -7.66 -36.48
N ASP A 604 -31.25 -8.66 -35.81
CA ASP A 604 -32.66 -8.94 -36.00
C ASP A 604 -33.54 -7.88 -35.38
N LYS A 605 -33.05 -7.19 -34.35
CA LYS A 605 -33.77 -6.09 -33.71
C LYS A 605 -32.81 -4.94 -33.46
N ILE A 606 -33.27 -3.73 -33.70
CA ILE A 606 -32.46 -2.52 -33.56
C ILE A 606 -33.09 -1.63 -32.50
N LEU A 607 -32.29 -1.20 -31.53
CA LEU A 607 -32.74 -0.28 -30.49
C LEU A 607 -31.77 0.90 -30.44
N ILE A 608 -32.26 2.08 -30.77
CA ILE A 608 -31.45 3.29 -30.85
C ILE A 608 -31.80 4.19 -29.67
N LEU A 609 -30.80 4.58 -28.90
CA LEU A 609 -30.98 5.39 -27.70
C LEU A 609 -30.52 6.82 -27.97
N HIS A 610 -31.33 7.78 -27.57
CA HIS A 610 -30.97 9.19 -27.63
C HIS A 610 -31.34 9.85 -26.31
N GLU A 611 -30.34 10.32 -25.56
CA GLU A 611 -30.53 10.92 -24.24
C GLU A 611 -31.25 9.96 -23.28
N GLY A 612 -31.02 8.67 -23.46
CA GLY A 612 -31.62 7.66 -22.61
C GLY A 612 -33.01 7.22 -22.99
N SER A 613 -33.56 7.74 -24.08
CA SER A 613 -34.89 7.38 -24.54
C SER A 613 -34.77 6.48 -25.76
N SER A 614 -35.63 5.47 -25.84
CA SER A 614 -35.64 4.56 -26.97
C SER A 614 -36.20 5.25 -28.20
N TYR A 615 -35.33 5.84 -29.03
CA TYR A 615 -35.79 6.55 -30.22
C TYR A 615 -36.49 5.60 -31.18
N PHE A 616 -35.91 4.44 -31.42
CA PHE A 616 -36.48 3.46 -32.33
C PHE A 616 -36.23 2.06 -31.77
N TYR A 617 -37.21 1.18 -31.92
CA TYR A 617 -37.08 -0.22 -31.53
C TYR A 617 -37.87 -1.06 -32.53
N GLY A 618 -37.15 -1.72 -33.45
CA GLY A 618 -37.77 -2.58 -34.43
C GLY A 618 -36.74 -3.35 -35.22
N THR A 619 -37.01 -3.60 -36.50
CA THR A 619 -36.07 -4.25 -37.40
C THR A 619 -35.48 -3.21 -38.35
N PHE A 620 -34.39 -3.60 -39.03
CA PHE A 620 -33.75 -2.68 -39.95
C PHE A 620 -34.65 -2.34 -41.13
N SER A 621 -35.43 -3.32 -41.61
CA SER A 621 -36.36 -3.05 -42.69
C SER A 621 -37.41 -2.02 -42.27
N GLU A 622 -37.89 -2.12 -41.04
CA GLU A 622 -38.84 -1.13 -40.53
C GLU A 622 -38.17 0.23 -40.34
N LEU A 623 -36.90 0.23 -39.93
CA LEU A 623 -36.18 1.48 -39.75
C LEU A 623 -35.96 2.19 -41.08
N GLN A 624 -35.76 1.42 -42.16
CA GLN A 624 -35.50 2.01 -43.47
C GLN A 624 -36.65 2.88 -43.94
N ASN A 625 -37.85 2.68 -43.42
CA ASN A 625 -38.99 3.52 -43.77
C ASN A 625 -39.10 4.72 -42.83
N ASN A 837 25.56 1.08 4.00
CA ASN A 837 25.45 2.38 3.33
C ASN A 837 24.07 2.99 3.54
N THR A 838 23.11 2.15 3.93
CA THR A 838 21.76 2.65 4.19
C THR A 838 21.75 3.66 5.34
N TYR A 839 22.43 3.32 6.43
CA TYR A 839 22.53 4.25 7.55
C TYR A 839 23.33 5.50 7.16
N LEU A 840 24.42 5.31 6.42
CA LEU A 840 25.28 6.43 6.05
C LEU A 840 24.55 7.41 5.12
N ARG A 841 23.63 6.91 4.30
CA ARG A 841 22.91 7.78 3.37
C ARG A 841 21.60 8.30 3.96
N TYR A 842 21.04 7.62 4.94
CA TYR A 842 19.86 8.15 5.64
C TYR A 842 20.20 9.41 6.42
N ILE A 843 21.34 9.40 7.13
CA ILE A 843 21.73 10.55 7.94
C ILE A 843 22.18 11.71 7.06
N THR A 844 22.98 11.42 6.03
CA THR A 844 23.61 12.46 5.23
C THR A 844 22.71 13.01 4.14
N VAL A 845 21.49 12.49 3.98
CA VAL A 845 20.58 13.03 2.99
C VAL A 845 20.05 14.40 3.41
N HIS A 846 20.24 14.78 4.67
CA HIS A 846 19.85 16.09 5.18
C HIS A 846 21.06 16.75 5.82
N LYS A 847 21.20 18.05 5.58
CA LYS A 847 22.29 18.84 6.15
C LYS A 847 21.95 19.39 7.52
N SER A 848 20.77 19.08 8.05
CA SER A 848 20.38 19.51 9.39
C SER A 848 20.26 18.35 10.37
N LEU A 849 20.05 17.12 9.89
CA LEU A 849 20.04 15.97 10.78
C LEU A 849 21.40 15.77 11.44
N ILE A 850 22.48 15.96 10.67
CA ILE A 850 23.82 15.87 11.24
C ILE A 850 24.04 16.95 12.29
N PHE A 851 23.55 18.17 12.02
CA PHE A 851 23.69 19.24 12.99
C PHE A 851 22.92 18.93 14.27
N VAL A 852 21.72 18.38 14.15
CA VAL A 852 20.93 18.02 15.32
C VAL A 852 21.63 16.91 16.11
N LEU A 853 22.18 15.92 15.42
CA LEU A 853 22.90 14.85 16.11
C LEU A 853 24.13 15.39 16.82
N ILE A 854 24.83 16.34 16.20
CA ILE A 854 25.98 16.96 16.83
C ILE A 854 25.56 17.72 18.08
N TRP A 855 24.44 18.45 18.00
CA TRP A 855 23.92 19.16 19.16
C TRP A 855 23.58 18.20 20.29
N CYS A 856 22.91 17.09 19.97
CA CYS A 856 22.57 16.10 20.98
C CYS A 856 23.81 15.49 21.60
N LEU A 857 24.82 15.18 20.79
CA LEU A 857 26.06 14.61 21.32
C LEU A 857 26.77 15.60 22.23
N VAL A 858 26.82 16.87 21.86
CA VAL A 858 27.49 17.87 22.68
C VAL A 858 26.77 18.03 24.02
N ILE A 859 25.44 18.12 23.99
CA ILE A 859 24.70 18.28 25.25
C ILE A 859 24.85 17.03 26.11
N PHE A 860 24.85 15.85 25.49
CA PHE A 860 25.03 14.61 26.24
C PHE A 860 26.41 14.55 26.88
N LEU A 861 27.44 14.98 26.15
CA LEU A 861 28.79 15.00 26.72
C LEU A 861 28.87 15.98 27.89
N ALA A 862 28.24 17.16 27.74
CA ALA A 862 28.24 18.12 28.85
C ALA A 862 27.53 17.55 30.07
N GLU A 863 26.40 16.87 29.86
CA GLU A 863 25.69 16.26 30.98
C GLU A 863 26.51 15.16 31.63
N VAL A 864 27.21 14.37 30.82
CA VAL A 864 28.06 13.31 31.35
C VAL A 864 29.20 13.90 32.18
N ALA A 865 29.81 14.97 31.69
CA ALA A 865 30.88 15.63 32.45
C ALA A 865 30.36 16.19 33.76
N ALA A 866 29.19 16.82 33.73
CA ALA A 866 28.60 17.35 34.96
C ALA A 866 28.32 16.23 35.96
N SER A 867 27.76 15.12 35.48
CA SER A 867 27.48 14.00 36.37
C SER A 867 28.78 13.42 36.95
N LEU A 868 29.81 13.32 36.12
CA LEU A 868 31.07 12.76 36.59
C LEU A 868 31.71 13.64 37.65
N VAL A 869 31.72 14.96 37.44
CA VAL A 869 32.33 15.83 38.42
C VAL A 869 31.51 15.87 39.70
N VAL A 870 30.17 15.83 39.59
CA VAL A 870 29.33 15.79 40.79
C VAL A 870 29.59 14.51 41.58
N LEU A 871 29.68 13.38 40.89
CA LEU A 871 29.95 12.12 41.57
C LEU A 871 31.33 12.10 42.20
N TRP A 872 32.31 12.72 41.53
CA TRP A 872 33.66 12.80 42.08
C TRP A 872 33.67 13.64 43.36
N LEU A 873 32.95 14.75 43.36
CA LEU A 873 32.85 15.57 44.58
C LEU A 873 32.12 14.82 45.69
N LEU A 874 31.07 14.07 45.33
CA LEU A 874 30.25 13.43 46.34
C LEU A 874 30.97 12.23 46.96
N GLY A 875 31.71 11.48 46.17
CA GLY A 875 32.41 10.31 46.66
C GLY A 875 33.90 10.31 46.37
N THR A 898 31.76 5.71 53.46
CA THR A 898 31.84 4.80 54.59
C THR A 898 31.86 3.35 54.12
N SER A 899 30.85 2.58 54.52
CA SER A 899 30.70 1.19 54.12
C SER A 899 29.47 0.98 53.24
N THR A 900 28.30 1.39 53.72
CA THR A 900 27.09 1.29 52.91
C THR A 900 27.10 2.28 51.76
N SER A 901 27.61 3.49 52.00
CA SER A 901 27.60 4.54 51.00
C SER A 901 28.81 4.53 50.08
N SER A 902 29.81 3.69 50.35
CA SER A 902 30.99 3.64 49.51
C SER A 902 30.75 2.94 48.18
N TYR A 903 29.68 2.16 48.06
CA TYR A 903 29.37 1.44 46.82
C TYR A 903 27.95 1.66 46.32
N TYR A 904 27.03 2.13 47.15
CA TYR A 904 25.66 2.33 46.71
C TYR A 904 25.47 3.59 45.87
N VAL A 905 26.40 4.54 45.94
CA VAL A 905 26.24 5.80 45.22
C VAL A 905 26.17 5.57 43.72
N PHE A 906 27.08 4.72 43.21
CA PHE A 906 27.05 4.39 41.79
C PHE A 906 25.78 3.62 41.43
N TYR A 907 25.28 2.79 42.34
CA TYR A 907 24.01 2.12 42.10
C TYR A 907 22.87 3.13 41.95
N ILE A 908 22.84 4.14 42.82
CA ILE A 908 21.82 5.18 42.73
C ILE A 908 21.94 5.92 41.40
N TYR A 909 23.17 6.28 41.02
CA TYR A 909 23.35 7.01 39.76
C TYR A 909 22.90 6.18 38.56
N VAL A 910 23.26 4.90 38.53
CA VAL A 910 22.93 4.07 37.38
C VAL A 910 21.47 3.63 37.41
N GLY A 911 20.79 3.74 38.55
CA GLY A 911 19.36 3.48 38.58
C GLY A 911 18.54 4.73 38.30
N VAL A 912 19.15 5.89 38.42
CA VAL A 912 18.49 7.16 38.17
C VAL A 912 18.99 7.85 36.90
N ALA A 913 19.93 7.23 36.18
CA ALA A 913 20.52 7.85 35.00
C ALA A 913 19.49 8.14 33.91
N ASP A 914 18.37 7.42 33.89
CA ASP A 914 17.37 7.60 32.84
C ASP A 914 16.76 8.98 32.83
N THR A 915 16.88 9.74 33.93
CA THR A 915 16.41 11.12 33.97
C THR A 915 17.53 12.14 33.78
N LEU A 916 18.72 11.86 34.31
CA LEU A 916 19.84 12.77 34.13
C LEU A 916 20.38 12.76 32.70
N LEU A 917 20.10 11.70 31.94
CA LEU A 917 20.56 11.64 30.55
C LEU A 917 19.40 11.40 29.59
N ALA A 918 18.33 12.18 29.75
CA ALA A 918 17.16 12.10 28.89
C ALA A 918 17.06 13.34 28.02
N MET A 919 16.47 13.17 26.84
CA MET A 919 16.34 14.28 25.89
C MET A 919 15.08 15.08 26.21
N GLY A 920 15.25 16.36 26.51
CA GLY A 920 14.14 17.27 26.70
C GLY A 920 13.67 17.84 25.39
N PHE A 921 12.90 18.93 25.48
CA PHE A 921 12.41 19.58 24.27
C PHE A 921 13.49 20.39 23.56
N PHE A 922 14.75 20.25 23.97
CA PHE A 922 15.87 20.93 23.33
C PHE A 922 16.75 19.99 22.52
N ARG A 923 16.59 18.68 22.67
CA ARG A 923 17.38 17.73 21.90
C ARG A 923 16.59 16.56 21.35
N GLY A 924 15.27 16.51 21.56
CA GLY A 924 14.47 15.47 20.95
C GLY A 924 13.46 16.00 19.96
N LEU A 925 12.92 17.19 20.25
CA LEU A 925 11.99 17.82 19.30
C LEU A 925 12.67 18.17 17.98
N PRO A 926 13.85 18.84 17.96
CA PRO A 926 14.52 19.04 16.67
C PRO A 926 14.90 17.74 16.00
N LEU A 927 15.25 16.70 16.76
CA LEU A 927 15.58 15.42 16.14
C LEU A 927 14.37 14.84 15.42
N VAL A 928 13.20 14.89 16.06
CA VAL A 928 11.98 14.40 15.42
C VAL A 928 11.63 15.23 14.19
N HIS A 929 11.76 16.56 14.31
CA HIS A 929 11.45 17.44 13.19
C HIS A 929 12.35 17.15 11.99
N THR A 930 13.65 16.98 12.24
CA THR A 930 14.58 16.69 11.16
C THR A 930 14.33 15.30 10.58
N LEU A 931 13.95 14.33 11.42
CA LEU A 931 13.68 12.99 10.92
C LEU A 931 12.38 12.93 10.12
N ILE A 932 11.49 13.90 10.29
CA ILE A 932 10.33 13.98 9.41
C ILE A 932 10.67 14.72 8.12
N THR A 933 11.49 15.77 8.21
CA THR A 933 11.93 16.46 7.00
C THR A 933 12.75 15.54 6.11
N VAL A 934 13.48 14.60 6.71
CA VAL A 934 14.22 13.60 5.93
C VAL A 934 13.25 12.75 5.12
N SER A 935 12.14 12.34 5.75
CA SER A 935 11.11 11.60 5.01
C SER A 935 10.53 12.46 3.90
N LYS A 936 10.35 13.75 4.15
CA LYS A 936 9.85 14.65 3.11
C LYS A 936 10.77 14.66 1.90
N ILE A 937 12.05 14.90 2.12
CA ILE A 937 12.98 15.00 1.00
C ILE A 937 13.14 13.66 0.31
N LEU A 938 13.11 12.56 1.08
CA LEU A 938 13.18 11.23 0.48
C LEU A 938 11.99 10.97 -0.43
N HIS A 939 10.78 11.29 0.02
CA HIS A 939 9.60 11.07 -0.81
C HIS A 939 9.64 11.96 -2.05
N HIS A 940 10.06 13.21 -1.91
CA HIS A 940 10.14 14.10 -3.07
C HIS A 940 11.14 13.58 -4.10
N LYS A 941 12.31 13.13 -3.64
CA LYS A 941 13.30 12.58 -4.55
C LYS A 941 12.81 11.30 -5.20
N MET A 942 12.13 10.44 -4.43
CA MET A 942 11.60 9.20 -4.98
C MET A 942 10.55 9.48 -6.06
N LEU A 943 9.66 10.45 -5.81
CA LEU A 943 8.65 10.79 -6.79
C LEU A 943 9.28 11.38 -8.05
N HIS A 944 10.28 12.24 -7.88
CA HIS A 944 10.97 12.80 -9.04
C HIS A 944 11.67 11.71 -9.84
N SER A 945 12.25 10.73 -9.15
CA SER A 945 12.89 9.61 -9.85
C SER A 945 11.87 8.74 -10.56
N VAL A 946 10.69 8.55 -9.97
CA VAL A 946 9.62 7.81 -10.63
C VAL A 946 9.23 8.52 -11.91
N LEU A 947 9.06 9.85 -11.84
CA LEU A 947 8.67 10.61 -13.02
C LEU A 947 9.75 10.56 -14.10
N GLN A 948 11.02 10.65 -13.72
CA GLN A 948 12.12 10.66 -14.68
C GLN A 948 12.71 9.28 -14.95
N ALA A 949 12.12 8.22 -14.38
CA ALA A 949 12.64 6.88 -14.63
C ALA A 949 12.37 6.48 -16.09
N PRO A 950 13.28 5.72 -16.71
CA PRO A 950 13.03 5.27 -18.08
C PRO A 950 11.81 4.37 -18.16
N MET A 951 11.13 4.43 -19.30
CA MET A 951 9.85 3.73 -19.45
C MET A 951 10.05 2.22 -19.40
N SER A 952 11.18 1.72 -19.90
CA SER A 952 11.44 0.29 -19.82
C SER A 952 11.56 -0.18 -18.38
N THR A 953 12.28 0.58 -17.55
CA THR A 953 12.40 0.21 -16.14
C THR A 953 11.07 0.38 -15.41
N LEU A 954 10.26 1.36 -15.81
CA LEU A 954 8.93 1.47 -15.22
C LEU A 954 8.04 0.29 -15.61
N ASN A 955 8.23 -0.24 -16.81
CA ASN A 955 7.54 -1.46 -17.21
C ASN A 955 8.07 -2.68 -16.45
N THR A 956 9.34 -2.65 -16.08
CA THR A 956 9.93 -3.79 -15.36
C THR A 956 9.21 -4.03 -14.04
N LEU A 957 8.90 -2.97 -13.30
CA LEU A 957 8.17 -3.10 -12.05
C LEU A 957 6.67 -3.18 -12.31
N LYS A 958 5.90 -3.32 -11.24
CA LYS A 958 4.46 -3.47 -11.32
C LYS A 958 3.78 -2.17 -10.90
N ALA A 959 2.45 -2.20 -10.80
CA ALA A 959 1.66 -1.09 -10.28
C ALA A 959 1.20 -1.33 -8.85
N GLY A 960 0.79 -2.55 -8.52
CA GLY A 960 0.49 -2.87 -7.13
C GLY A 960 1.71 -2.74 -6.25
N GLY A 961 2.89 -3.11 -6.76
CA GLY A 961 4.11 -2.91 -6.00
C GLY A 961 4.43 -1.45 -5.78
N ILE A 962 4.21 -0.62 -6.80
CA ILE A 962 4.46 0.81 -6.65
C ILE A 962 3.50 1.40 -5.62
N LEU A 963 2.24 0.98 -5.65
CA LEU A 963 1.26 1.45 -4.68
C LEU A 963 1.62 1.01 -3.27
N ASN A 964 2.05 -0.24 -3.11
CA ASN A 964 2.46 -0.72 -1.80
C ASN A 964 3.67 0.04 -1.28
N ARG A 965 4.63 0.32 -2.16
CA ARG A 965 5.82 1.07 -1.74
C ARG A 965 5.44 2.47 -1.27
N PHE A 966 4.71 3.22 -2.11
CA PHE A 966 4.32 4.56 -1.71
C PHE A 966 3.33 4.57 -0.54
N SER A 967 2.69 3.44 -0.25
CA SER A 967 1.75 3.38 0.87
C SER A 967 2.46 3.08 2.18
N LYS A 968 3.47 2.21 2.17
CA LYS A 968 4.07 1.73 3.41
C LYS A 968 5.47 2.26 3.65
N ASP A 969 6.35 2.26 2.63
CA ASP A 969 7.72 2.67 2.88
C ASP A 969 7.87 4.17 3.01
N ILE A 970 6.78 4.93 3.02
CA ILE A 970 6.82 6.36 3.30
C ILE A 970 6.06 6.61 4.59
N ALA A 971 5.02 5.81 4.83
CA ALA A 971 4.30 5.90 6.10
C ALA A 971 5.18 5.49 7.26
N ILE A 972 5.99 4.45 7.07
CA ILE A 972 6.93 4.03 8.10
C ILE A 972 7.94 5.14 8.39
N LEU A 973 8.44 5.79 7.34
CA LEU A 973 9.39 6.88 7.52
C LEU A 973 8.74 8.08 8.19
N ASP A 974 7.44 8.29 7.96
CA ASP A 974 6.75 9.42 8.55
C ASP A 974 6.43 9.20 10.02
N ASP A 975 6.01 7.99 10.40
CA ASP A 975 5.48 7.75 11.74
C ASP A 975 6.38 6.87 12.60
N LEU A 976 6.68 5.65 12.16
CA LEU A 976 7.37 4.71 13.01
C LEU A 976 8.85 5.04 13.16
N LEU A 977 9.51 5.35 12.04
CA LEU A 977 10.97 5.48 12.04
C LEU A 977 11.50 6.61 12.90
N PRO A 978 10.99 7.85 12.82
CA PRO A 978 11.57 8.91 13.67
C PRO A 978 11.46 8.62 15.15
N LEU A 979 10.32 8.11 15.60
CA LEU A 979 10.15 7.84 17.02
C LEU A 979 10.97 6.63 17.46
N THR A 980 11.07 5.61 16.61
CA THR A 980 11.89 4.45 16.96
C THR A 980 13.37 4.84 17.02
N ILE A 981 13.81 5.71 16.11
CA ILE A 981 15.19 6.16 16.13
C ILE A 981 15.43 7.03 17.37
N PHE A 982 14.45 7.86 17.74
CA PHE A 982 14.56 8.62 18.99
C PHE A 982 14.73 7.68 20.18
N ASP A 983 13.90 6.63 20.25
CA ASP A 983 13.99 5.70 21.38
C ASP A 983 15.33 4.98 21.39
N PHE A 984 15.82 4.56 20.22
CA PHE A 984 17.10 3.86 20.16
C PHE A 984 18.25 4.78 20.58
N ILE A 985 18.24 6.03 20.11
CA ILE A 985 19.29 6.96 20.49
C ILE A 985 19.21 7.27 21.99
N GLN A 986 18.00 7.40 22.51
CA GLN A 986 17.83 7.61 23.95
C GLN A 986 18.45 6.47 24.75
N LEU A 987 18.09 5.24 24.39
CA LEU A 987 18.61 4.08 25.13
C LEU A 987 20.12 3.96 24.98
N LEU A 988 20.64 4.20 23.78
CA LEU A 988 22.08 4.13 23.55
C LEU A 988 22.82 5.18 24.37
N LEU A 989 22.30 6.41 24.40
CA LEU A 989 22.94 7.47 25.17
C LEU A 989 22.90 7.15 26.66
N ILE A 990 21.76 6.64 27.15
CA ILE A 990 21.66 6.28 28.56
C ILE A 990 22.67 5.19 28.91
N VAL A 991 22.75 4.17 28.07
CA VAL A 991 23.69 3.08 28.32
C VAL A 991 25.13 3.58 28.30
N ILE A 992 25.47 4.42 27.31
CA ILE A 992 26.84 4.91 27.19
C ILE A 992 27.21 5.76 28.38
N GLY A 993 26.31 6.65 28.81
CA GLY A 993 26.60 7.48 29.98
C GLY A 993 26.73 6.67 31.24
N ALA A 994 25.83 5.71 31.46
CA ALA A 994 25.91 4.86 32.64
C ALA A 994 27.19 4.02 32.63
N ILE A 995 27.63 3.60 31.45
CA ILE A 995 28.89 2.87 31.35
C ILE A 995 30.06 3.78 31.69
N ALA A 996 30.10 4.97 31.08
CA ALA A 996 31.29 5.80 31.14
C ALA A 996 31.48 6.44 32.51
N VAL A 997 30.41 6.98 33.10
CA VAL A 997 30.55 7.65 34.38
C VAL A 997 30.99 6.68 35.46
N VAL A 998 30.39 5.48 35.48
CA VAL A 998 30.77 4.49 36.47
C VAL A 998 32.15 3.92 36.18
N ALA A 999 32.51 3.74 34.91
CA ALA A 999 33.78 3.13 34.56
C ALA A 999 34.96 4.06 34.82
N VAL A 1000 34.74 5.38 34.71
CA VAL A 1000 35.81 6.32 35.05
C VAL A 1000 36.20 6.17 36.51
N LEU A 1001 35.20 6.06 37.40
CA LEU A 1001 35.49 5.82 38.81
C LEU A 1001 35.92 4.38 39.05
N GLN A 1002 35.25 3.42 38.41
CA GLN A 1002 35.52 1.99 38.61
C GLN A 1002 35.72 1.33 37.26
N PRO A 1003 36.95 1.26 36.76
CA PRO A 1003 37.19 0.66 35.44
C PRO A 1003 36.79 -0.80 35.34
N TYR A 1004 36.74 -1.52 36.46
CA TYR A 1004 36.35 -2.93 36.41
C TYR A 1004 34.90 -3.10 35.95
N ILE A 1005 34.07 -2.05 36.05
CA ILE A 1005 32.73 -2.11 35.47
C ILE A 1005 32.82 -2.31 33.96
N PHE A 1006 33.60 -1.47 33.30
CA PHE A 1006 33.75 -1.60 31.85
C PHE A 1006 34.54 -2.85 31.50
N VAL A 1007 35.41 -3.32 32.39
CA VAL A 1007 36.08 -4.59 32.17
C VAL A 1007 35.09 -5.74 32.15
N ALA A 1008 34.15 -5.75 33.10
CA ALA A 1008 33.17 -6.82 33.20
C ALA A 1008 32.09 -6.74 32.15
N THR A 1009 31.79 -5.54 31.64
CA THR A 1009 30.75 -5.41 30.63
C THR A 1009 31.16 -5.90 29.25
N VAL A 1010 32.46 -6.03 28.98
CA VAL A 1010 32.91 -6.43 27.65
C VAL A 1010 32.47 -7.84 27.29
N PRO A 1011 32.66 -8.87 28.13
CA PRO A 1011 32.24 -10.22 27.73
C PRO A 1011 30.74 -10.35 27.50
N VAL A 1012 29.94 -9.42 28.00
CA VAL A 1012 28.50 -9.45 27.75
C VAL A 1012 28.18 -8.78 26.42
N ILE A 1013 28.71 -7.57 26.21
CA ILE A 1013 28.38 -6.81 25.01
C ILE A 1013 28.94 -7.50 23.77
N VAL A 1014 30.05 -8.22 23.90
CA VAL A 1014 30.58 -8.93 22.73
C VAL A 1014 29.61 -10.00 22.28
N ALA A 1015 29.04 -10.77 23.22
CA ALA A 1015 28.05 -11.79 22.87
C ALA A 1015 26.77 -11.15 22.35
N PHE A 1016 26.35 -10.03 22.95
CA PHE A 1016 25.17 -9.32 22.47
C PHE A 1016 25.34 -8.93 21.00
N ILE A 1017 26.44 -8.27 20.68
CA ILE A 1017 26.68 -7.82 19.30
C ILE A 1017 26.84 -9.03 18.38
N MET A 1018 27.50 -10.08 18.85
CA MET A 1018 27.70 -11.27 18.03
C MET A 1018 26.37 -11.89 17.63
N LEU A 1019 25.47 -12.07 18.59
CA LEU A 1019 24.18 -12.69 18.28
C LEU A 1019 23.31 -11.76 17.44
N ARG A 1020 23.37 -10.45 17.71
CA ARG A 1020 22.60 -9.51 16.90
C ARG A 1020 23.06 -9.55 15.45
N ALA A 1021 24.38 -9.58 15.21
CA ALA A 1021 24.88 -9.68 13.85
C ALA A 1021 24.55 -11.03 13.23
N TYR A 1022 24.62 -12.11 14.01
CA TYR A 1022 24.33 -13.44 13.51
C TYR A 1022 22.88 -13.57 13.05
N PHE A 1023 21.97 -12.85 13.71
CA PHE A 1023 20.57 -12.93 13.33
C PHE A 1023 20.16 -11.83 12.34
N LEU A 1024 20.92 -10.74 12.26
CA LEU A 1024 20.54 -9.62 11.39
C LEU A 1024 20.59 -10.00 9.91
N GLN A 1025 21.61 -10.75 9.49
CA GLN A 1025 21.75 -11.04 8.06
C GLN A 1025 20.69 -12.01 7.56
N THR A 1026 19.94 -12.64 8.45
CA THR A 1026 18.75 -13.39 8.07
C THR A 1026 17.46 -12.61 8.31
N SER A 1027 17.42 -11.77 9.35
CA SER A 1027 16.24 -10.95 9.59
C SER A 1027 16.03 -9.95 8.48
N GLN A 1028 17.12 -9.38 7.94
CA GLN A 1028 16.98 -8.45 6.82
C GLN A 1028 16.42 -9.16 5.59
N GLN A 1029 16.89 -10.38 5.32
CA GLN A 1029 16.34 -11.14 4.20
C GLN A 1029 14.86 -11.43 4.41
N LEU A 1030 14.48 -11.83 5.63
CA LEU A 1030 13.07 -12.11 5.91
C LEU A 1030 12.22 -10.85 5.79
N LYS A 1031 12.76 -9.71 6.24
CA LYS A 1031 12.03 -8.45 6.14
C LYS A 1031 11.83 -8.04 4.68
N GLN A 1032 12.87 -8.21 3.85
CA GLN A 1032 12.72 -7.90 2.43
C GLN A 1032 11.73 -8.85 1.77
N LEU A 1033 11.74 -10.13 2.18
CA LEU A 1033 10.78 -11.08 1.63
C LEU A 1033 9.36 -10.71 2.01
N GLU A 1034 9.14 -10.29 3.27
CA GLU A 1034 7.82 -9.86 3.71
C GLU A 1034 7.39 -8.59 2.97
N SER A 1035 8.30 -7.65 2.80
CA SER A 1035 7.96 -6.41 2.09
C SER A 1035 7.57 -6.68 0.64
N GLU A 1036 8.30 -7.56 -0.03
CA GLU A 1036 8.00 -7.89 -1.42
C GLU A 1036 6.91 -8.96 -1.54
N GLY A 1037 6.43 -9.52 -0.43
CA GLY A 1037 5.32 -10.44 -0.46
C GLY A 1037 4.02 -9.76 -0.08
N ARG A 1038 4.14 -8.50 0.35
CA ARG A 1038 2.96 -7.68 0.64
C ARG A 1038 2.30 -7.17 -0.64
N SER A 1039 3.08 -6.94 -1.68
CA SER A 1039 2.55 -6.42 -2.93
C SER A 1039 1.46 -7.28 -3.57
N PRO A 1040 1.55 -8.63 -3.58
CA PRO A 1040 0.50 -9.41 -4.25
C PRO A 1040 -0.91 -9.18 -3.72
N ILE A 1041 -1.08 -9.00 -2.40
CA ILE A 1041 -2.42 -8.80 -1.86
C ILE A 1041 -3.03 -7.51 -2.40
N PHE A 1042 -2.25 -6.42 -2.36
CA PHE A 1042 -2.73 -5.15 -2.87
C PHE A 1042 -2.97 -5.22 -4.38
N THR A 1043 -2.07 -5.87 -5.11
CA THR A 1043 -2.21 -5.93 -6.56
C THR A 1043 -3.31 -6.89 -7.00
N HIS A 1044 -3.78 -7.75 -6.11
CA HIS A 1044 -4.95 -8.56 -6.42
C HIS A 1044 -6.25 -7.84 -6.05
N LEU A 1045 -6.24 -7.12 -4.93
CA LEU A 1045 -7.42 -6.32 -4.59
C LEU A 1045 -7.65 -5.21 -5.60
N VAL A 1046 -6.57 -4.64 -6.16
CA VAL A 1046 -6.72 -3.60 -7.17
C VAL A 1046 -7.44 -4.16 -8.40
N THR A 1047 -7.04 -5.35 -8.86
CA THR A 1047 -7.70 -5.95 -10.01
C THR A 1047 -9.12 -6.40 -9.68
N SER A 1048 -9.35 -6.88 -8.45
CA SER A 1048 -10.70 -7.28 -8.07
C SER A 1048 -11.65 -6.08 -8.09
N LEU A 1049 -11.17 -4.91 -7.65
CA LEU A 1049 -11.99 -3.71 -7.70
C LEU A 1049 -12.10 -3.14 -9.10
N LYS A 1050 -11.05 -3.29 -9.92
CA LYS A 1050 -11.09 -2.75 -11.27
C LYS A 1050 -12.00 -3.56 -12.18
N GLY A 1051 -12.08 -4.88 -11.96
CA GLY A 1051 -12.90 -5.73 -12.79
C GLY A 1051 -14.01 -6.40 -12.02
N LEU A 1052 -14.49 -5.75 -10.95
CA LEU A 1052 -15.64 -6.27 -10.22
C LEU A 1052 -16.87 -6.31 -11.12
N TRP A 1053 -16.94 -5.39 -12.08
CA TRP A 1053 -18.07 -5.33 -13.00
C TRP A 1053 -18.22 -6.64 -13.76
N THR A 1054 -17.14 -7.06 -14.43
CA THR A 1054 -17.16 -8.33 -15.16
C THR A 1054 -17.14 -9.52 -14.22
N LEU A 1055 -16.54 -9.38 -13.04
CA LEU A 1055 -16.56 -10.46 -12.06
C LEU A 1055 -17.98 -10.83 -11.68
N ARG A 1056 -18.79 -9.83 -11.33
CA ARG A 1056 -20.17 -10.11 -10.97
C ARG A 1056 -21.04 -10.36 -12.18
N ALA A 1057 -20.60 -9.97 -13.39
CA ALA A 1057 -21.30 -10.42 -14.58
C ALA A 1057 -21.09 -11.91 -14.84
N PHE A 1058 -19.87 -12.40 -14.64
CA PHE A 1058 -19.52 -13.78 -14.93
C PHE A 1058 -19.80 -14.74 -13.77
N GLY A 1059 -19.98 -14.22 -12.56
CA GLY A 1059 -20.13 -15.08 -11.40
C GLY A 1059 -18.87 -15.85 -11.03
N ARG A 1060 -17.71 -15.19 -11.06
CA ARG A 1060 -16.43 -15.81 -10.71
C ARG A 1060 -15.94 -15.37 -9.34
N GLN A 1061 -16.86 -14.97 -8.47
CA GLN A 1061 -16.49 -14.62 -7.11
C GLN A 1061 -15.82 -15.75 -6.35
N PRO A 1062 -16.28 -17.01 -6.40
CA PRO A 1062 -15.51 -18.08 -5.74
C PRO A 1062 -14.10 -18.24 -6.28
N TYR A 1063 -13.91 -18.10 -7.59
CA TYR A 1063 -12.57 -18.25 -8.16
C TYR A 1063 -11.66 -17.13 -7.68
N PHE A 1064 -12.16 -15.89 -7.67
CA PHE A 1064 -11.34 -14.79 -7.18
C PHE A 1064 -11.10 -14.89 -5.68
N GLU A 1065 -12.06 -15.44 -4.94
CA GLU A 1065 -11.85 -15.69 -3.51
C GLU A 1065 -10.74 -16.70 -3.29
N THR A 1066 -10.71 -17.77 -4.10
CA THR A 1066 -9.63 -18.74 -3.99
C THR A 1066 -8.28 -18.11 -4.32
N LEU A 1067 -8.24 -17.26 -5.36
CA LEU A 1067 -7.00 -16.56 -5.69
C LEU A 1067 -6.54 -15.67 -4.53
N PHE A 1068 -7.48 -14.95 -3.91
CA PHE A 1068 -7.12 -14.09 -2.79
C PHE A 1068 -6.63 -14.90 -1.60
N HIS A 1069 -7.26 -16.05 -1.34
CA HIS A 1069 -6.82 -16.91 -0.24
C HIS A 1069 -5.42 -17.45 -0.50
N LYS A 1070 -5.12 -17.83 -1.74
CA LYS A 1070 -3.77 -18.27 -2.08
C LYS A 1070 -2.76 -17.17 -1.85
N ALA A 1071 -3.07 -15.94 -2.28
CA ALA A 1071 -2.16 -14.82 -2.05
C ALA A 1071 -1.97 -14.55 -0.57
N LEU A 1072 -3.05 -14.63 0.21
CA LEU A 1072 -2.96 -14.39 1.65
C LEU A 1072 -2.09 -15.43 2.32
N ASN A 1073 -2.25 -16.71 1.95
CA ASN A 1073 -1.38 -17.75 2.49
C ASN A 1073 0.07 -17.52 2.11
N LEU A 1074 0.32 -17.14 0.85
CA LEU A 1074 1.68 -16.90 0.39
C LEU A 1074 2.35 -15.80 1.21
N HIS A 1075 1.62 -14.71 1.47
CA HIS A 1075 2.20 -13.64 2.28
C HIS A 1075 2.36 -14.06 3.74
N THR A 1076 1.36 -14.74 4.29
CA THR A 1076 1.33 -14.96 5.73
C THR A 1076 2.33 -16.02 6.17
N ALA A 1077 2.62 -17.02 5.32
CA ALA A 1077 3.64 -17.98 5.69
C ALA A 1077 4.98 -17.28 5.89
N ASN A 1078 5.34 -16.42 4.96
CA ASN A 1078 6.58 -15.66 5.03
C ASN A 1078 6.58 -14.72 6.24
N TRP A 1079 5.47 -14.00 6.46
CA TRP A 1079 5.43 -13.04 7.56
C TRP A 1079 5.50 -13.73 8.91
N PHE A 1080 4.77 -14.85 9.07
CA PHE A 1080 4.82 -15.60 10.31
C PHE A 1080 6.19 -16.19 10.55
N LEU A 1081 6.85 -16.68 9.49
CA LEU A 1081 8.22 -17.17 9.66
C LEU A 1081 9.15 -16.06 10.12
N TYR A 1082 9.00 -14.86 9.54
CA TYR A 1082 9.83 -13.74 9.97
C TYR A 1082 9.58 -13.38 11.42
N LEU A 1083 8.30 -13.33 11.84
CA LEU A 1083 8.00 -12.97 13.21
C LEU A 1083 8.50 -14.04 14.19
N SER A 1084 8.43 -15.30 13.78
CA SER A 1084 8.95 -16.37 14.63
C SER A 1084 10.47 -16.27 14.77
N THR A 1085 11.17 -15.94 13.68
CA THR A 1085 12.62 -15.76 13.77
C THR A 1085 12.97 -14.57 14.66
N LEU A 1086 12.23 -13.47 14.53
CA LEU A 1086 12.46 -12.30 15.37
C LEU A 1086 12.21 -12.64 16.84
N ARG A 1087 11.17 -13.42 17.12
CA ARG A 1087 10.90 -13.81 18.49
C ARG A 1087 11.98 -14.74 19.02
N TRP A 1088 12.51 -15.61 18.15
CA TRP A 1088 13.65 -16.45 18.55
C TRP A 1088 14.83 -15.58 18.96
N PHE A 1089 15.12 -14.54 18.19
CA PHE A 1089 16.23 -13.66 18.53
C PHE A 1089 15.96 -12.91 19.83
N GLN A 1090 14.77 -12.34 19.96
CA GLN A 1090 14.44 -11.55 21.15
C GLN A 1090 14.25 -12.40 22.39
N MET A 1091 14.15 -13.71 22.24
CA MET A 1091 14.21 -14.61 23.39
C MET A 1091 15.64 -15.03 23.69
N ARG A 1092 16.36 -15.54 22.70
CA ARG A 1092 17.73 -16.00 22.87
C ARG A 1092 18.69 -14.89 23.27
N ILE A 1093 18.32 -13.62 23.08
CA ILE A 1093 19.15 -12.55 23.63
C ILE A 1093 18.62 -12.25 25.03
N GLU A 1094 17.41 -11.71 25.12
CA GLU A 1094 16.90 -11.17 26.37
C GLU A 1094 16.86 -12.23 27.46
N MET A 1095 16.05 -13.27 27.27
CA MET A 1095 15.73 -14.22 28.32
C MET A 1095 16.64 -15.43 28.31
N ILE A 1096 17.66 -15.47 27.46
CA ILE A 1096 18.64 -16.54 27.48
C ILE A 1096 20.06 -16.03 27.64
N PHE A 1097 20.53 -15.18 26.73
CA PHE A 1097 21.92 -14.76 26.75
C PHE A 1097 22.20 -13.81 27.89
N VAL A 1098 21.19 -13.47 28.68
CA VAL A 1098 21.36 -12.75 29.93
C VAL A 1098 21.04 -13.69 31.08
N ILE A 1099 19.94 -14.44 30.97
CA ILE A 1099 19.46 -15.21 32.11
C ILE A 1099 20.30 -16.46 32.40
N PHE A 1100 21.02 -17.01 31.42
CA PHE A 1100 21.83 -18.18 31.63
C PHE A 1100 23.32 -17.88 31.70
N PHE A 1101 23.72 -16.63 31.49
CA PHE A 1101 25.10 -16.20 31.69
C PHE A 1101 25.20 -15.18 32.82
N ILE A 1102 24.53 -14.05 32.69
CA ILE A 1102 24.75 -12.93 33.61
C ILE A 1102 24.11 -13.23 34.95
N ALA A 1103 22.80 -13.45 34.96
CA ALA A 1103 22.11 -13.66 36.23
C ALA A 1103 22.38 -15.02 36.83
N VAL A 1104 23.33 -15.80 36.30
CA VAL A 1104 23.66 -17.09 36.89
C VAL A 1104 25.12 -17.12 37.31
N THR A 1105 25.97 -16.33 36.64
CA THR A 1105 27.39 -16.32 36.95
C THR A 1105 27.87 -14.98 37.50
N PHE A 1106 26.97 -14.02 37.69
CA PHE A 1106 27.31 -12.74 38.31
C PHE A 1106 26.71 -12.60 39.70
N ILE A 1107 25.93 -13.59 40.14
CA ILE A 1107 25.27 -13.56 41.45
C ILE A 1107 25.67 -14.80 42.23
N SER A 1108 26.05 -15.86 41.52
CA SER A 1108 26.48 -17.11 42.15
C SER A 1108 28.00 -17.19 42.29
N ILE A 1109 28.63 -16.04 42.47
CA ILE A 1109 30.08 -15.94 42.65
C ILE A 1109 30.37 -15.35 44.02
N LEU A 1110 29.54 -15.69 45.00
CA LEU A 1110 29.60 -15.03 46.30
C LEU A 1110 30.87 -15.41 47.05
N THR A 1111 31.94 -14.67 46.79
CA THR A 1111 33.23 -14.90 47.43
C THR A 1111 33.34 -14.12 48.73
N VAL A 1119 34.78 -8.61 45.63
CA VAL A 1119 34.81 -8.40 44.19
C VAL A 1119 33.38 -8.41 43.66
N GLY A 1120 32.42 -8.67 44.54
CA GLY A 1120 31.04 -8.83 44.12
C GLY A 1120 30.31 -7.52 43.93
N ILE A 1121 31.03 -6.41 44.03
CA ILE A 1121 30.46 -5.10 43.77
C ILE A 1121 30.83 -4.56 42.40
N ILE A 1122 32.02 -4.88 41.88
CA ILE A 1122 32.50 -4.34 40.62
C ILE A 1122 32.10 -5.20 39.43
N LEU A 1123 31.23 -6.19 39.63
CA LEU A 1123 30.64 -6.90 38.50
C LEU A 1123 29.17 -7.26 38.70
N THR A 1124 28.55 -6.85 39.81
CA THR A 1124 27.12 -7.04 39.99
C THR A 1124 26.31 -5.88 39.43
N LEU A 1125 26.89 -4.69 39.34
CA LEU A 1125 26.26 -3.57 38.66
C LEU A 1125 26.16 -3.81 37.15
N ALA A 1126 26.92 -4.78 36.63
CA ALA A 1126 26.75 -5.20 35.25
C ALA A 1126 25.35 -5.73 35.01
N MET A 1127 24.78 -6.44 36.00
CA MET A 1127 23.39 -6.85 35.91
C MET A 1127 22.47 -5.66 35.62
N ASN A 1128 22.60 -4.61 36.43
CA ASN A 1128 21.65 -3.50 36.34
C ASN A 1128 21.89 -2.71 35.06
N ILE A 1129 23.14 -2.56 34.63
CA ILE A 1129 23.41 -1.90 33.35
C ILE A 1129 22.84 -2.72 32.19
N MET A 1130 23.04 -4.03 32.20
CA MET A 1130 22.52 -4.87 31.13
C MET A 1130 21.00 -4.91 31.12
N SER A 1131 20.37 -4.68 32.27
CA SER A 1131 18.91 -4.66 32.34
C SER A 1131 18.32 -3.65 31.38
N THR A 1132 19.04 -2.55 31.11
CA THR A 1132 18.61 -1.59 30.09
C THR A 1132 19.42 -1.68 28.80
N LEU A 1133 20.60 -2.32 28.83
CA LEU A 1133 21.33 -2.55 27.59
C LEU A 1133 20.56 -3.52 26.68
N GLN A 1134 19.86 -4.48 27.27
CA GLN A 1134 19.05 -5.38 26.46
C GLN A 1134 17.88 -4.64 25.81
N TRP A 1135 17.31 -3.66 26.52
CA TRP A 1135 16.28 -2.82 25.92
C TRP A 1135 16.86 -1.96 24.79
N ALA A 1136 18.08 -1.44 24.98
CA ALA A 1136 18.74 -0.71 23.91
C ALA A 1136 18.97 -1.59 22.69
N VAL A 1137 19.36 -2.84 22.91
CA VAL A 1137 19.56 -3.77 21.80
C VAL A 1137 18.24 -4.07 21.10
N ASN A 1138 17.15 -4.21 21.86
CA ASN A 1138 15.85 -4.39 21.25
C ASN A 1138 15.46 -3.20 20.38
N SER A 1139 15.70 -1.99 20.89
CA SER A 1139 15.38 -0.81 20.10
C SER A 1139 16.25 -0.75 18.84
N SER A 1140 17.52 -1.14 18.96
CA SER A 1140 18.41 -1.14 17.79
C SER A 1140 17.96 -2.16 16.75
N ILE A 1141 17.56 -3.35 17.19
CA ILE A 1141 17.12 -4.36 16.22
C ILE A 1141 15.80 -3.95 15.58
N ASP A 1142 14.92 -3.28 16.33
CA ASP A 1142 13.72 -2.71 15.72
C ASP A 1142 14.07 -1.62 14.71
N VAL A 1143 15.08 -0.81 15.02
CA VAL A 1143 15.55 0.22 14.08
C VAL A 1143 16.01 -0.43 12.79
N ASP A 1144 16.80 -1.51 12.90
CA ASP A 1144 17.29 -2.15 11.70
C ASP A 1144 16.17 -2.86 10.94
N SER A 1145 15.17 -3.38 11.65
CA SER A 1145 14.01 -3.96 10.96
C SER A 1145 13.25 -2.90 10.19
N LEU A 1146 13.10 -1.71 10.76
CA LEU A 1146 12.43 -0.61 10.06
C LEU A 1146 13.29 0.00 8.97
N MET A 1147 14.61 -0.18 9.05
CA MET A 1147 15.53 0.44 8.09
C MET A 1147 15.38 -0.15 6.70
N ARG A 1148 14.73 -1.32 6.59
CA ARG A 1148 14.54 -1.94 5.28
C ARG A 1148 13.66 -1.06 4.38
N SER A 1149 12.71 -0.32 4.96
CA SER A 1149 11.89 0.58 4.17
C SER A 1149 12.74 1.67 3.54
N VAL A 1150 13.65 2.26 4.32
CA VAL A 1150 14.56 3.27 3.77
C VAL A 1150 15.47 2.65 2.73
N SER A 1151 15.90 1.40 2.95
CA SER A 1151 16.75 0.74 1.96
C SER A 1151 16.01 0.58 0.63
N ARG A 1152 14.75 0.16 0.68
CA ARG A 1152 13.95 0.05 -0.53
C ARG A 1152 13.73 1.40 -1.19
N VAL A 1153 13.45 2.43 -0.39
CA VAL A 1153 13.23 3.78 -0.92
C VAL A 1153 14.49 4.28 -1.63
N PHE A 1154 15.66 4.05 -1.02
CA PHE A 1154 16.90 4.48 -1.64
C PHE A 1154 17.22 3.68 -2.90
N LYS A 1155 16.99 2.36 -2.87
CA LYS A 1155 17.19 1.55 -4.07
C LYS A 1155 16.29 2.02 -5.20
N PHE A 1156 15.13 2.57 -4.86
CA PHE A 1156 14.27 3.14 -5.89
C PHE A 1156 14.78 4.52 -6.34
N ILE A 1157 15.30 5.30 -5.41
CA ILE A 1157 15.82 6.63 -5.72
C ILE A 1157 16.99 6.53 -6.69
N ASP A 1158 17.78 5.45 -6.60
CA ASP A 1158 18.96 5.28 -7.45
C ASP A 1158 18.60 5.01 -8.93
N MET A 1159 17.36 5.14 -9.37
CA MET A 1159 17.03 4.89 -10.76
C MET A 1159 17.70 5.91 -11.68
N PRO A 1160 18.04 5.51 -12.90
CA PRO A 1160 18.59 6.45 -13.87
C PRO A 1160 17.50 7.33 -14.45
N THR A 1161 17.91 8.27 -15.30
CA THR A 1161 16.97 9.19 -15.94
C THR A 1161 17.03 9.07 -17.45
N GLY A 1197 7.37 25.19 -38.63
CA GLY A 1197 7.23 24.47 -39.89
C GLY A 1197 6.41 23.20 -39.78
N GLY A 1198 6.99 22.16 -39.20
CA GLY A 1198 6.32 20.88 -39.04
C GLY A 1198 6.96 19.73 -39.78
N GLN A 1199 8.07 19.94 -40.49
CA GLN A 1199 8.69 18.88 -41.26
C GLN A 1199 9.33 17.84 -40.33
N MET A 1200 9.29 16.58 -40.76
CA MET A 1200 9.99 15.49 -40.07
C MET A 1200 10.74 14.66 -41.09
N THR A 1201 11.97 14.28 -40.75
CA THR A 1201 12.74 13.32 -41.52
C THR A 1201 13.29 12.28 -40.56
N VAL A 1202 12.98 11.01 -40.82
CA VAL A 1202 13.40 9.91 -39.97
C VAL A 1202 14.24 8.95 -40.81
N LYS A 1203 15.23 8.32 -40.17
CA LYS A 1203 16.06 7.34 -40.84
C LYS A 1203 16.65 6.39 -39.80
N ASP A 1204 16.71 5.10 -40.17
CA ASP A 1204 17.33 4.07 -39.34
C ASP A 1204 16.75 4.05 -37.93
N LEU A 1205 15.42 4.18 -37.84
CA LEU A 1205 14.75 4.18 -36.55
C LEU A 1205 14.33 2.75 -36.21
N THR A 1206 14.85 2.24 -35.10
CA THR A 1206 14.52 0.90 -34.61
C THR A 1206 13.94 1.06 -33.21
N ALA A 1207 12.65 0.74 -33.06
CA ALA A 1207 11.94 0.92 -31.80
C ALA A 1207 11.81 -0.42 -31.11
N LYS A 1208 12.67 -0.65 -30.11
CA LYS A 1208 12.58 -1.83 -29.26
C LYS A 1208 12.16 -1.42 -27.86
N TYR A 1209 11.30 -2.23 -27.24
CA TYR A 1209 10.87 -1.95 -25.87
C TYR A 1209 11.89 -2.39 -24.84
N THR A 1210 12.84 -3.26 -25.22
CA THR A 1210 13.89 -3.71 -24.31
C THR A 1210 15.16 -3.95 -25.11
N GLU A 1211 16.29 -3.85 -24.43
CA GLU A 1211 17.59 -4.13 -25.03
C GLU A 1211 17.81 -5.64 -25.06
N GLY A 1212 17.23 -6.27 -26.08
CA GLY A 1212 17.33 -7.71 -26.22
C GLY A 1212 16.00 -8.37 -26.51
N GLY A 1213 14.97 -7.56 -26.74
CA GLY A 1213 13.66 -8.05 -27.11
C GLY A 1213 13.48 -8.13 -28.61
N ASN A 1214 12.25 -7.90 -29.05
CA ASN A 1214 11.92 -7.91 -30.47
C ASN A 1214 11.84 -6.47 -30.96
N ALA A 1215 12.65 -6.15 -31.96
CA ALA A 1215 12.62 -4.81 -32.56
C ALA A 1215 11.33 -4.63 -33.33
N ILE A 1216 10.41 -3.84 -32.78
CA ILE A 1216 9.09 -3.67 -33.38
C ILE A 1216 9.21 -3.03 -34.75
N LEU A 1217 10.13 -2.08 -34.91
CA LEU A 1217 10.38 -1.43 -36.19
C LEU A 1217 11.85 -1.62 -36.56
N GLU A 1218 12.10 -1.83 -37.85
CA GLU A 1218 13.45 -2.14 -38.34
C GLU A 1218 13.77 -1.22 -39.51
N ASN A 1219 14.46 -0.12 -39.22
CA ASN A 1219 14.96 0.82 -40.22
C ASN A 1219 13.79 1.36 -41.05
N ILE A 1220 12.95 2.13 -40.37
CA ILE A 1220 11.84 2.83 -41.00
C ILE A 1220 12.27 4.27 -41.28
N SER A 1221 12.03 4.74 -42.50
CA SER A 1221 12.47 6.08 -42.90
C SER A 1221 11.42 6.70 -43.81
N PHE A 1222 11.18 7.98 -43.63
CA PHE A 1222 10.21 8.73 -44.43
C PHE A 1222 10.41 10.22 -44.17
N SER A 1223 9.66 11.02 -44.92
CA SER A 1223 9.67 12.47 -44.76
C SER A 1223 8.24 12.98 -44.72
N ILE A 1224 8.02 14.04 -43.96
CA ILE A 1224 6.69 14.62 -43.77
C ILE A 1224 6.77 16.11 -44.10
N SER A 1225 6.01 16.54 -45.10
CA SER A 1225 5.97 17.95 -45.45
C SER A 1225 5.22 18.73 -44.37
N PRO A 1226 5.58 19.99 -44.16
CA PRO A 1226 4.84 20.82 -43.20
C PRO A 1226 3.39 21.00 -43.61
N GLY A 1227 2.52 21.06 -42.62
CA GLY A 1227 1.10 21.22 -42.88
C GLY A 1227 0.48 20.08 -43.66
N GLN A 1228 0.87 18.85 -43.35
CA GLN A 1228 0.39 17.67 -44.07
C GLN A 1228 -0.11 16.65 -43.06
N ARG A 1229 -1.37 16.25 -43.20
CA ARG A 1229 -1.99 15.29 -42.29
C ARG A 1229 -1.61 13.88 -42.73
N VAL A 1230 -0.58 13.32 -42.08
CA VAL A 1230 -0.04 12.01 -42.44
C VAL A 1230 -0.77 10.97 -41.60
N GLY A 1231 -1.83 10.41 -42.15
CA GLY A 1231 -2.54 9.34 -41.48
C GLY A 1231 -1.73 8.06 -41.44
N LEU A 1232 -2.05 7.21 -40.46
CA LEU A 1232 -1.31 5.99 -40.22
C LEU A 1232 -2.27 4.81 -40.19
N LEU A 1233 -1.93 3.75 -40.94
CA LEU A 1233 -2.72 2.53 -41.01
C LEU A 1233 -1.89 1.35 -40.51
N GLY A 1234 -2.50 0.17 -40.54
CA GLY A 1234 -1.87 -1.05 -40.10
C GLY A 1234 -2.85 -1.89 -39.30
N ARG A 1235 -2.74 -3.21 -39.45
CA ARG A 1235 -3.57 -4.12 -38.69
C ARG A 1235 -3.29 -3.98 -37.20
N THR A 1236 -4.23 -4.46 -36.38
CA THR A 1236 -4.05 -4.41 -34.94
C THR A 1236 -2.84 -5.24 -34.52
N GLY A 1237 -2.03 -4.67 -33.65
CA GLY A 1237 -0.79 -5.32 -33.24
C GLY A 1237 0.39 -5.09 -34.15
N SER A 1238 0.26 -4.20 -35.14
CA SER A 1238 1.35 -3.98 -36.09
C SER A 1238 2.48 -3.15 -35.49
N GLY A 1239 2.14 -2.16 -34.66
CA GLY A 1239 3.15 -1.30 -34.09
C GLY A 1239 2.94 0.18 -34.36
N LYS A 1240 1.69 0.57 -34.61
CA LYS A 1240 1.38 1.97 -34.86
C LYS A 1240 1.59 2.82 -33.60
N SER A 1241 1.05 2.36 -32.47
CA SER A 1241 1.31 3.04 -31.21
C SER A 1241 2.79 2.98 -30.85
N THR A 1242 3.49 1.91 -31.25
CA THR A 1242 4.93 1.85 -31.04
C THR A 1242 5.65 2.94 -31.81
N LEU A 1243 5.25 3.17 -33.07
CA LEU A 1243 5.83 4.26 -33.84
C LEU A 1243 5.53 5.61 -33.20
N LEU A 1244 4.29 5.82 -32.77
CA LEU A 1244 3.94 7.10 -32.16
C LEU A 1244 4.72 7.34 -30.87
N SER A 1245 4.92 6.29 -30.07
CA SER A 1245 5.73 6.41 -28.86
C SER A 1245 7.19 6.66 -29.19
N ALA A 1246 7.72 5.96 -30.21
CA ALA A 1246 9.10 6.17 -30.62
C ALA A 1246 9.34 7.57 -31.15
N PHE A 1247 8.28 8.22 -31.64
CA PHE A 1247 8.41 9.63 -32.01
C PHE A 1247 8.82 10.48 -30.81
N LEU A 1248 8.24 10.19 -29.64
CA LEU A 1248 8.62 10.84 -28.39
C LEU A 1248 9.74 10.10 -27.67
N ARG A 1249 10.28 9.04 -28.28
CA ARG A 1249 11.31 8.18 -27.70
C ARG A 1249 11.02 7.83 -26.25
N LEU A 1250 9.76 7.46 -26.00
CA LEU A 1250 9.41 6.89 -24.70
C LEU A 1250 10.14 5.58 -24.46
N LEU A 1251 10.23 4.74 -25.48
CA LEU A 1251 10.96 3.48 -25.41
C LEU A 1251 12.41 3.70 -25.84
N ASN A 1252 13.14 2.61 -26.11
CA ASN A 1252 14.56 2.71 -26.40
C ASN A 1252 14.83 3.55 -27.64
N THR A 1253 14.33 3.08 -28.80
CA THR A 1253 14.40 3.80 -30.07
C THR A 1253 15.83 4.02 -30.57
N GLU A 1254 15.95 4.33 -31.87
CA GLU A 1254 17.24 4.63 -32.49
C GLU A 1254 17.00 5.63 -33.62
N GLY A 1255 18.07 5.96 -34.34
CA GLY A 1255 17.95 6.86 -35.47
C GLY A 1255 17.77 8.32 -35.04
N GLU A 1256 17.32 9.12 -36.02
CA GLU A 1256 17.08 10.54 -35.80
C GLU A 1256 15.69 10.92 -36.33
N ILE A 1257 15.07 11.89 -35.67
CA ILE A 1257 13.72 12.33 -36.02
C ILE A 1257 13.81 13.84 -36.29
N GLN A 1258 14.92 14.26 -36.89
CA GLN A 1258 15.18 15.67 -37.18
C GLN A 1258 13.94 16.42 -37.65
N ILE A 1259 13.61 17.51 -36.97
CA ILE A 1259 12.43 18.31 -37.24
C ILE A 1259 12.90 19.71 -37.62
N ASP A 1260 12.82 20.04 -38.92
CA ASP A 1260 13.20 21.34 -39.45
C ASP A 1260 14.67 21.67 -39.18
N GLY A 1261 15.45 20.70 -38.73
CA GLY A 1261 16.86 20.93 -38.46
C GLY A 1261 17.34 20.45 -37.11
N VAL A 1262 16.50 20.55 -36.08
CA VAL A 1262 16.89 20.11 -34.74
C VAL A 1262 16.65 18.61 -34.63
N SER A 1263 17.70 17.88 -34.27
CA SER A 1263 17.68 16.43 -34.23
C SER A 1263 17.29 15.94 -32.83
N TRP A 1264 17.44 14.63 -32.61
CA TRP A 1264 17.14 14.05 -31.30
C TRP A 1264 18.15 14.49 -30.26
N ASP A 1265 19.43 14.48 -30.60
CA ASP A 1265 20.50 14.74 -29.65
C ASP A 1265 20.88 16.21 -29.53
N SER A 1266 20.34 17.06 -30.39
CA SER A 1266 20.62 18.49 -30.32
C SER A 1266 19.70 19.24 -29.37
N ILE A 1267 18.76 18.54 -28.73
CA ILE A 1267 17.78 19.16 -27.84
C ILE A 1267 17.46 18.19 -26.73
N THR A 1268 17.32 18.72 -25.51
CA THR A 1268 17.02 17.88 -24.36
C THR A 1268 15.64 17.23 -24.52
N LEU A 1269 15.43 16.16 -23.74
CA LEU A 1269 14.26 15.32 -23.95
C LEU A 1269 12.96 16.06 -23.71
N GLN A 1270 12.88 16.86 -22.64
CA GLN A 1270 11.64 17.55 -22.33
C GLN A 1270 11.35 18.65 -23.35
N GLN A 1271 12.38 19.41 -23.75
CA GLN A 1271 12.17 20.43 -24.78
C GLN A 1271 11.77 19.80 -26.10
N TRP A 1272 12.27 18.59 -26.39
CA TRP A 1272 11.84 17.87 -27.58
C TRP A 1272 10.37 17.47 -27.49
N ARG A 1273 9.99 16.85 -26.37
CA ARG A 1273 8.61 16.40 -26.21
C ARG A 1273 7.62 17.54 -26.12
N LYS A 1274 8.07 18.75 -25.79
CA LYS A 1274 7.16 19.88 -25.70
C LYS A 1274 6.55 20.27 -27.04
N ALA A 1275 7.16 19.85 -28.14
CA ALA A 1275 6.69 20.20 -29.48
C ALA A 1275 5.82 19.11 -30.09
N PHE A 1276 5.11 18.35 -29.26
CA PHE A 1276 4.25 17.27 -29.73
C PHE A 1276 2.91 17.33 -29.00
N GLY A 1277 1.86 16.94 -29.72
CA GLY A 1277 0.54 16.79 -29.14
C GLY A 1277 0.14 15.32 -29.18
N VAL A 1278 -0.33 14.82 -28.04
CA VAL A 1278 -0.55 13.39 -27.84
C VAL A 1278 -2.01 13.17 -27.42
N ILE A 1279 -2.62 12.15 -28.01
CA ILE A 1279 -3.92 11.66 -27.57
C ILE A 1279 -3.79 10.14 -27.43
N PRO A 1280 -3.30 9.65 -26.29
CA PRO A 1280 -3.01 8.21 -26.17
C PRO A 1280 -4.28 7.38 -26.20
N GLN A 1281 -4.09 6.12 -26.61
CA GLN A 1281 -5.20 5.16 -26.57
C GLN A 1281 -5.68 4.94 -25.14
N LYS A 1282 -4.76 4.84 -24.19
CA LYS A 1282 -5.09 4.75 -22.78
C LYS A 1282 -5.40 6.15 -22.28
N VAL A 1283 -6.69 6.45 -22.12
CA VAL A 1283 -7.11 7.79 -21.71
C VAL A 1283 -6.76 7.98 -20.24
N PHE A 1284 -6.00 9.03 -19.95
CA PHE A 1284 -5.53 9.31 -18.60
C PHE A 1284 -6.38 10.44 -18.01
N ILE A 1285 -7.14 10.12 -16.95
CA ILE A 1285 -7.82 11.11 -16.13
C ILE A 1285 -7.51 10.82 -14.67
N PHE A 1286 -6.89 11.78 -13.99
CA PHE A 1286 -6.57 11.65 -12.58
C PHE A 1286 -7.67 12.28 -11.74
N SER A 1287 -7.63 12.00 -10.44
CA SER A 1287 -8.58 12.59 -9.51
C SER A 1287 -8.39 14.10 -9.46
N GLY A 1288 -9.49 14.83 -9.51
CA GLY A 1288 -9.42 16.28 -9.51
C GLY A 1288 -10.55 16.86 -10.34
N THR A 1289 -10.60 18.19 -10.34
CA THR A 1289 -11.65 18.90 -11.06
C THR A 1289 -11.43 18.80 -12.56
N PHE A 1290 -12.47 19.17 -13.32
CA PHE A 1290 -12.35 19.22 -14.77
C PHE A 1290 -11.30 20.24 -15.19
N ARG A 1291 -11.21 21.36 -14.47
CA ARG A 1291 -10.18 22.36 -14.75
C ARG A 1291 -8.79 21.76 -14.57
N LYS A 1292 -8.57 21.04 -13.48
CA LYS A 1292 -7.27 20.41 -13.26
C LYS A 1292 -6.98 19.36 -14.32
N ASN A 1293 -8.00 18.58 -14.71
CA ASN A 1293 -7.79 17.55 -15.72
C ASN A 1293 -7.43 18.15 -17.07
N LEU A 1294 -8.06 19.27 -17.43
CA LEU A 1294 -7.77 19.90 -18.71
C LEU A 1294 -6.45 20.66 -18.69
N ASP A 1295 -6.05 21.20 -17.54
CA ASP A 1295 -4.75 21.87 -17.47
C ASP A 1295 -4.20 21.88 -16.04
N PRO A 1296 -3.36 20.91 -15.69
CA PRO A 1296 -2.73 20.93 -14.36
C PRO A 1296 -1.86 22.16 -14.11
N TYR A 1297 -1.29 22.75 -15.16
CA TYR A 1297 -0.50 23.96 -15.01
C TYR A 1297 -1.35 25.22 -14.88
N GLU A 1298 -2.65 25.14 -15.20
CA GLU A 1298 -3.55 26.29 -15.13
C GLU A 1298 -3.03 27.46 -15.97
N GLN A 1299 -2.45 27.15 -17.14
CA GLN A 1299 -1.98 28.21 -18.02
C GLN A 1299 -3.14 29.02 -18.59
N TRP A 1300 -4.23 28.35 -18.95
CA TRP A 1300 -5.40 28.99 -19.54
C TRP A 1300 -6.51 29.05 -18.49
N SER A 1301 -7.15 30.21 -18.38
CA SER A 1301 -8.19 30.43 -17.39
C SER A 1301 -9.51 29.77 -17.83
N ASP A 1302 -10.50 29.84 -16.95
CA ASP A 1302 -11.81 29.24 -17.25
C ASP A 1302 -12.42 29.83 -18.50
N GLN A 1303 -12.20 31.13 -18.76
CA GLN A 1303 -12.72 31.73 -19.98
C GLN A 1303 -12.10 31.10 -21.22
N GLU A 1304 -10.80 30.82 -21.18
CA GLU A 1304 -10.11 30.25 -22.33
C GLU A 1304 -10.26 28.74 -22.43
N ILE A 1305 -10.74 28.07 -21.38
CA ILE A 1305 -11.02 26.64 -21.48
C ILE A 1305 -12.49 26.33 -21.69
N TRP A 1306 -13.39 27.28 -21.44
CA TRP A 1306 -14.79 27.04 -21.73
C TRP A 1306 -15.04 26.99 -23.23
N LYS A 1307 -14.29 27.78 -24.00
CA LYS A 1307 -14.38 27.69 -25.45
C LYS A 1307 -13.89 26.33 -25.95
N VAL A 1308 -12.85 25.80 -25.33
CA VAL A 1308 -12.35 24.47 -25.71
C VAL A 1308 -13.34 23.39 -25.31
N ALA A 1309 -14.04 23.58 -24.18
CA ALA A 1309 -15.16 22.70 -23.85
C ALA A 1309 -16.24 22.78 -24.91
N ASP A 1310 -16.54 23.99 -25.38
CA ASP A 1310 -17.32 24.15 -26.60
C ASP A 1310 -16.52 23.62 -27.79
N GLU A 1311 -17.18 23.51 -28.95
CA GLU A 1311 -16.61 23.01 -30.19
C GLU A 1311 -16.02 21.60 -30.04
N VAL A 1312 -16.24 20.96 -28.89
CA VAL A 1312 -15.76 19.61 -28.63
C VAL A 1312 -16.86 18.69 -28.12
N GLY A 1313 -17.97 19.21 -27.59
CA GLY A 1313 -19.10 18.40 -27.17
C GLY A 1313 -19.25 18.25 -25.68
N LEU A 1314 -18.43 18.93 -24.87
CA LEU A 1314 -18.51 18.82 -23.43
C LEU A 1314 -19.35 19.91 -22.78
N ARG A 1315 -19.94 20.81 -23.57
CA ARG A 1315 -20.83 21.82 -23.00
C ARG A 1315 -22.05 21.18 -22.35
N SER A 1316 -22.65 20.19 -23.01
CA SER A 1316 -23.82 19.52 -22.46
C SER A 1316 -23.47 18.43 -21.46
N VAL A 1317 -22.19 18.14 -21.27
CA VAL A 1317 -21.74 17.08 -20.37
C VAL A 1317 -21.25 17.64 -19.05
N ILE A 1318 -20.42 18.69 -19.11
CA ILE A 1318 -19.87 19.28 -17.89
C ILE A 1318 -20.99 19.90 -17.06
N GLU A 1319 -21.88 20.65 -17.72
CA GLU A 1319 -22.98 21.31 -17.02
C GLU A 1319 -23.96 20.33 -16.40
N GLN A 1320 -24.01 19.09 -16.89
CA GLN A 1320 -24.90 18.10 -16.31
C GLN A 1320 -24.47 17.75 -14.88
N PHE A 1321 -23.17 17.73 -14.63
CA PHE A 1321 -22.66 17.40 -13.31
C PHE A 1321 -22.91 18.57 -12.35
N PRO A 1322 -22.91 18.30 -11.04
CA PRO A 1322 -23.25 19.37 -10.07
C PRO A 1322 -22.38 20.60 -10.19
N GLY A 1323 -21.09 20.44 -10.47
CA GLY A 1323 -20.20 21.59 -10.57
C GLY A 1323 -19.55 21.74 -11.93
N LYS A 1324 -19.89 22.82 -12.64
CA LYS A 1324 -19.26 23.11 -13.92
C LYS A 1324 -17.77 23.34 -13.75
N LEU A 1325 -16.95 22.44 -14.30
CA LEU A 1325 -15.49 22.48 -14.15
C LEU A 1325 -15.08 22.40 -12.69
N ASP A 1326 -15.91 21.77 -11.85
CA ASP A 1326 -15.58 21.62 -10.44
C ASP A 1326 -15.85 20.22 -9.90
N PHE A 1327 -16.45 19.33 -10.69
CA PHE A 1327 -16.68 17.98 -10.23
C PHE A 1327 -15.37 17.22 -10.10
N VAL A 1328 -15.27 16.39 -9.06
CA VAL A 1328 -14.08 15.60 -8.81
C VAL A 1328 -14.24 14.26 -9.50
N LEU A 1329 -13.44 14.03 -10.55
CA LEU A 1329 -13.52 12.81 -11.35
C LEU A 1329 -12.80 11.69 -10.63
N VAL A 1330 -13.51 11.04 -9.71
CA VAL A 1330 -12.97 9.92 -8.95
C VAL A 1330 -13.06 8.66 -9.78
N ASP A 1331 -12.37 7.60 -9.35
CA ASP A 1331 -12.41 6.28 -10.00
C ASP A 1331 -11.97 6.37 -11.45
N GLY A 1332 -10.95 7.19 -11.71
CA GLY A 1332 -10.41 7.31 -13.05
C GLY A 1332 -11.39 7.84 -14.08
N GLY A 1333 -12.14 8.87 -13.72
CA GLY A 1333 -13.13 9.41 -14.63
C GLY A 1333 -14.26 8.46 -14.95
N CYS A 1334 -14.69 7.65 -13.98
CA CYS A 1334 -15.78 6.72 -14.20
C CYS A 1334 -17.11 7.42 -14.40
N VAL A 1335 -17.26 8.65 -13.92
CA VAL A 1335 -18.51 9.37 -14.05
C VAL A 1335 -18.81 9.66 -15.52
N LEU A 1336 -17.79 10.05 -16.28
CA LEU A 1336 -17.96 10.27 -17.70
C LEU A 1336 -18.12 8.93 -18.43
N SER A 1337 -18.61 9.01 -19.67
CA SER A 1337 -18.68 7.84 -20.53
C SER A 1337 -17.37 7.74 -21.33
N HIS A 1338 -17.28 6.69 -22.17
CA HIS A 1338 -16.04 6.49 -22.92
C HIS A 1338 -15.92 7.51 -24.06
N GLY A 1339 -17.02 7.80 -24.75
CA GLY A 1339 -16.98 8.86 -25.74
C GLY A 1339 -16.65 10.20 -25.15
N HIS A 1340 -17.20 10.49 -23.96
CA HIS A 1340 -16.85 11.73 -23.28
C HIS A 1340 -15.40 11.74 -22.83
N LYS A 1341 -14.84 10.58 -22.49
CA LYS A 1341 -13.42 10.50 -22.18
C LYS A 1341 -12.58 10.85 -23.41
N GLN A 1342 -12.95 10.31 -24.56
CA GLN A 1342 -12.25 10.65 -25.81
C GLN A 1342 -12.37 12.14 -26.10
N LEU A 1343 -13.56 12.71 -25.91
CA LEU A 1343 -13.74 14.13 -26.16
C LEU A 1343 -12.92 14.97 -25.18
N MET A 1344 -12.80 14.52 -23.93
CA MET A 1344 -11.96 15.21 -22.96
C MET A 1344 -10.50 15.19 -23.38
N CYS A 1345 -10.02 14.05 -23.87
CA CYS A 1345 -8.64 13.99 -24.35
C CYS A 1345 -8.45 14.90 -25.56
N LEU A 1346 -9.44 14.93 -26.46
CA LEU A 1346 -9.37 15.83 -27.61
C LEU A 1346 -9.30 17.29 -27.17
N ALA A 1347 -10.14 17.67 -26.20
CA ALA A 1347 -10.14 19.04 -25.70
C ALA A 1347 -8.83 19.37 -25.02
N ARG A 1348 -8.26 18.42 -24.29
CA ARG A 1348 -6.97 18.62 -23.66
C ARG A 1348 -5.88 18.85 -24.70
N SER A 1349 -5.89 18.07 -25.77
CA SER A 1349 -4.92 18.27 -26.86
C SER A 1349 -5.12 19.64 -27.51
N VAL A 1350 -6.37 20.05 -27.71
CA VAL A 1350 -6.64 21.36 -28.31
C VAL A 1350 -6.11 22.47 -27.41
N LEU A 1351 -6.35 22.36 -26.10
CA LEU A 1351 -5.81 23.34 -25.16
C LEU A 1351 -4.29 23.38 -25.21
N SER A 1352 -3.67 22.21 -25.24
CA SER A 1352 -2.21 22.12 -25.39
C SER A 1352 -1.84 22.47 -26.83
N LYS A 1353 -2.01 23.74 -27.16
CA LYS A 1353 -1.73 24.25 -28.50
C LYS A 1353 -0.27 24.00 -28.87
N ALA A 1354 -0.05 23.11 -29.82
CA ALA A 1354 1.29 22.76 -30.26
C ALA A 1354 1.22 22.35 -31.73
N LYS A 1355 2.33 21.83 -32.25
CA LYS A 1355 2.41 21.39 -33.63
C LYS A 1355 2.83 19.93 -33.67
N ILE A 1356 2.74 19.34 -34.86
CA ILE A 1356 3.09 17.94 -35.10
C ILE A 1356 2.38 17.08 -34.06
N LEU A 1357 1.05 17.17 -34.02
CA LEU A 1357 0.29 16.35 -33.10
C LEU A 1357 0.32 14.88 -33.50
N LEU A 1358 0.57 14.01 -32.52
CA LEU A 1358 0.51 12.58 -32.74
C LEU A 1358 -0.82 12.00 -32.28
N LEU A 1359 -1.90 12.31 -33.00
CA LEU A 1359 -3.22 11.79 -32.69
C LEU A 1359 -3.22 10.27 -32.72
N ASP A 1360 -3.49 9.62 -31.59
CA ASP A 1360 -3.50 8.17 -31.51
C ASP A 1360 -4.93 7.71 -31.27
N GLN A 1361 -5.65 7.45 -32.37
CA GLN A 1361 -7.04 7.02 -32.36
C GLN A 1361 -7.90 7.97 -31.54
N PRO A 1362 -8.15 9.19 -32.03
CA PRO A 1362 -8.97 10.14 -31.24
C PRO A 1362 -10.41 9.68 -31.08
N SER A 1363 -11.04 9.21 -32.16
CA SER A 1363 -12.40 8.70 -32.11
C SER A 1363 -12.38 7.18 -31.98
N ALA A 1364 -11.84 6.72 -30.85
CA ALA A 1364 -11.71 5.29 -30.61
C ALA A 1364 -13.09 4.63 -30.47
N HIS A 1365 -14.01 5.29 -29.77
CA HIS A 1365 -15.34 4.72 -29.54
C HIS A 1365 -16.45 5.70 -29.94
N LEU A 1366 -16.13 6.73 -30.71
CA LEU A 1366 -17.13 7.68 -31.16
C LEU A 1366 -17.93 7.11 -32.33
N ASP A 1367 -19.05 7.75 -32.61
CA ASP A 1367 -19.94 7.41 -33.70
C ASP A 1367 -19.98 8.53 -34.74
N PRO A 1368 -20.49 8.27 -35.95
CA PRO A 1368 -20.48 9.31 -36.98
C PRO A 1368 -21.17 10.60 -36.57
N VAL A 1369 -22.17 10.54 -35.69
CA VAL A 1369 -22.79 11.76 -35.20
C VAL A 1369 -21.78 12.58 -34.40
N THR A 1370 -21.01 11.92 -33.54
CA THR A 1370 -20.00 12.61 -32.74
C THR A 1370 -18.63 12.64 -33.42
N TYR A 1371 -18.42 11.85 -34.48
CA TYR A 1371 -17.16 11.94 -35.20
C TYR A 1371 -17.02 13.27 -35.93
N GLN A 1372 -18.15 13.90 -36.28
CA GLN A 1372 -18.09 15.22 -36.88
C GLN A 1372 -17.44 16.23 -35.95
N ILE A 1373 -17.51 15.98 -34.63
CA ILE A 1373 -16.82 16.83 -33.67
C ILE A 1373 -15.31 16.76 -33.89
N ILE A 1374 -14.79 15.53 -33.96
CA ILE A 1374 -13.37 15.32 -34.27
C ILE A 1374 -13.01 15.95 -35.60
N ARG A 1375 -13.90 15.80 -36.59
CA ARG A 1375 -13.60 16.30 -37.93
C ARG A 1375 -13.48 17.83 -37.95
N ARG A 1376 -14.47 18.53 -37.40
CA ARG A 1376 -14.38 19.98 -37.48
C ARG A 1376 -13.32 20.52 -36.53
N THR A 1377 -13.04 19.82 -35.43
CA THR A 1377 -11.90 20.21 -34.60
C THR A 1377 -10.59 20.06 -35.36
N LEU A 1378 -10.46 18.99 -36.14
CA LEU A 1378 -9.27 18.82 -36.98
C LEU A 1378 -9.14 19.94 -37.99
N LYS A 1379 -10.26 20.34 -38.61
CA LYS A 1379 -10.19 21.39 -39.62
C LYS A 1379 -10.17 22.81 -39.05
N GLN A 1380 -10.42 22.98 -37.76
CA GLN A 1380 -10.47 24.32 -37.16
C GLN A 1380 -9.32 24.59 -36.21
N ALA A 1381 -9.15 23.77 -35.17
CA ALA A 1381 -8.14 24.05 -34.15
C ALA A 1381 -6.73 23.83 -34.72
N PHE A 1382 -6.53 22.73 -35.43
CA PHE A 1382 -5.24 22.44 -36.05
C PHE A 1382 -5.28 22.85 -37.53
N ALA A 1383 -5.41 24.17 -37.72
CA ALA A 1383 -5.63 24.71 -39.05
C ALA A 1383 -4.42 24.48 -39.96
N ASP A 1384 -3.22 24.77 -39.45
CA ASP A 1384 -1.98 24.64 -40.24
C ASP A 1384 -0.94 23.92 -39.38
N CYS A 1385 -0.92 22.59 -39.48
CA CYS A 1385 0.04 21.77 -38.78
C CYS A 1385 0.05 20.39 -39.43
N THR A 1386 0.84 19.49 -38.87
CA THR A 1386 0.95 18.12 -39.36
C THR A 1386 0.33 17.18 -38.35
N VAL A 1387 -0.58 16.33 -38.81
CA VAL A 1387 -1.27 15.36 -37.97
C VAL A 1387 -0.80 13.96 -38.34
N ILE A 1388 -0.57 13.13 -37.32
CA ILE A 1388 -0.08 11.78 -37.49
C ILE A 1388 -1.18 10.83 -37.02
N LEU A 1389 -2.43 11.23 -37.25
CA LEU A 1389 -3.57 10.54 -36.66
C LEU A 1389 -3.57 9.06 -37.02
N CYS A 1390 -3.86 8.23 -36.02
CA CYS A 1390 -3.86 6.78 -36.14
C CYS A 1390 -5.29 6.21 -36.16
N GLU A 1391 -6.24 7.00 -36.64
CA GLU A 1391 -7.64 6.59 -36.62
C GLU A 1391 -7.88 5.39 -37.53
N HIS A 1392 -8.72 4.47 -37.06
CA HIS A 1392 -9.10 3.29 -37.83
C HIS A 1392 -10.39 3.51 -38.62
N ARG A 1393 -10.94 4.72 -38.60
CA ARG A 1393 -12.19 5.04 -39.29
C ARG A 1393 -11.88 5.42 -40.73
N ILE A 1394 -12.59 4.79 -41.67
CA ILE A 1394 -12.41 5.10 -43.09
C ILE A 1394 -12.80 6.54 -43.37
N GLU A 1395 -13.84 7.04 -42.70
CA GLU A 1395 -14.26 8.43 -42.89
C GLU A 1395 -13.15 9.40 -42.49
N ALA A 1396 -12.46 9.13 -41.38
CA ALA A 1396 -11.35 9.97 -40.97
C ALA A 1396 -10.11 9.76 -41.82
N MET A 1397 -9.93 8.57 -42.39
CA MET A 1397 -8.78 8.31 -43.25
C MET A 1397 -8.96 8.89 -44.65
N LEU A 1398 -10.19 9.18 -45.04
CA LEU A 1398 -10.45 9.71 -46.38
C LEU A 1398 -9.81 11.10 -46.57
N GLU A 1399 -9.77 11.91 -45.51
CA GLU A 1399 -9.30 13.28 -45.63
C GLU A 1399 -7.79 13.42 -45.52
N CYS A 1400 -7.08 12.37 -45.12
CA CYS A 1400 -5.64 12.47 -44.94
C CYS A 1400 -4.93 12.60 -46.28
N GLN A 1401 -3.80 13.33 -46.26
CA GLN A 1401 -3.05 13.60 -47.48
C GLN A 1401 -1.93 12.59 -47.71
N GLN A 1402 -1.35 12.04 -46.66
CA GLN A 1402 -0.31 11.02 -46.77
C GLN A 1402 -0.64 9.87 -45.84
N PHE A 1403 -0.21 8.66 -46.23
CA PHE A 1403 -0.55 7.45 -45.51
C PHE A 1403 0.69 6.61 -45.25
N LEU A 1404 0.76 6.03 -44.06
CA LEU A 1404 1.79 5.07 -43.70
C LEU A 1404 1.11 3.77 -43.27
N VAL A 1405 1.52 2.66 -43.87
CA VAL A 1405 0.99 1.34 -43.53
C VAL A 1405 2.11 0.57 -42.84
N ILE A 1406 1.88 0.17 -41.59
CA ILE A 1406 2.86 -0.59 -40.81
C ILE A 1406 2.53 -2.06 -41.03
N GLU A 1407 3.12 -2.64 -42.07
CA GLU A 1407 2.96 -4.05 -42.39
C GLU A 1407 4.33 -4.70 -42.44
N GLU A 1408 4.41 -5.94 -41.93
CA GLU A 1408 5.66 -6.69 -41.88
C GLU A 1408 6.72 -5.94 -41.07
N ASN A 1409 6.28 -5.22 -40.04
CA ASN A 1409 7.17 -4.45 -39.16
C ASN A 1409 8.05 -3.48 -39.96
N LYS A 1410 7.43 -2.79 -40.92
CA LYS A 1410 8.14 -1.81 -41.74
C LYS A 1410 7.12 -0.89 -42.39
N VAL A 1411 7.29 0.41 -42.22
CA VAL A 1411 6.34 1.40 -42.71
C VAL A 1411 6.59 1.65 -44.20
N ARG A 1412 5.63 2.30 -44.85
CA ARG A 1412 5.70 2.62 -46.27
C ARG A 1412 5.50 4.13 -46.47
N GLN A 1413 5.41 4.53 -47.74
CA GLN A 1413 5.25 5.94 -48.11
C GLN A 1413 4.29 6.00 -49.29
N TYR A 1414 3.00 6.18 -48.99
CA TYR A 1414 1.98 6.33 -50.02
C TYR A 1414 1.57 7.79 -50.14
N ASP A 1415 0.68 8.07 -51.09
CA ASP A 1415 0.26 9.44 -51.38
C ASP A 1415 -1.24 9.65 -51.45
N SER A 1416 -2.04 8.61 -51.70
CA SER A 1416 -3.47 8.79 -51.88
C SER A 1416 -4.20 7.50 -51.53
N ILE A 1417 -5.50 7.63 -51.30
CA ILE A 1417 -6.33 6.47 -50.98
C ILE A 1417 -6.46 5.55 -52.19
N GLN A 1418 -6.52 6.13 -53.39
CA GLN A 1418 -6.60 5.30 -54.60
C GLN A 1418 -5.31 4.52 -54.81
N LYS A 1419 -4.16 5.15 -54.57
CA LYS A 1419 -2.89 4.44 -54.62
C LYS A 1419 -2.78 3.42 -53.49
N LEU A 1420 -3.42 3.69 -52.36
CA LEU A 1420 -3.52 2.71 -51.28
C LEU A 1420 -4.27 1.47 -51.74
N LEU A 1421 -5.38 1.65 -52.45
CA LEU A 1421 -6.20 0.55 -52.91
C LEU A 1421 -6.24 0.48 -54.43
#